data_2Y2H
#
_entry.id   2Y2H
#
_cell.length_a   95.992
_cell.length_b   100.484
_cell.length_c   143.969
_cell.angle_alpha   90.00
_cell.angle_beta   90.00
_cell.angle_gamma   90.00
#
_symmetry.space_group_name_H-M   'P 21 21 21'
#
loop_
_entity.id
_entity.type
_entity.pdbx_description
1 polymer 'PENICILLIN-BINDING PROTEIN 1B'
2 non-polymer [(2-CHLOROPHENYL)CARBONYLAMINO]METHYL-TRIHYDROXY-BORON
3 non-polymer 'SULFATE ION'
4 non-polymer 'CHLORIDE ION'
5 non-polymer 'SODIUM ION'
6 water water
#
_entity_poly.entity_id   1
_entity_poly.type   'polypeptide(L)'
_entity_poly.pdbx_seq_one_letter_code
;DISSISEITYSDGTVIASIESDLLRQDFLPSGTVTGISRDYLYFTTLAEAQERMYDYLAQRDNVSAKELKNEATQKFYRD
LAAKEIENGGYKITTTIDQKIHSAMQSAVADYGYLLDDGTGRVEVGNVLMDNQTGAILGFVGGRNYQENQNNHAFDTKRS
PASTTKPLLAYGIAIDQGLMGSETILSNYPTNFANGNPIMYANSKGTGMMTLGEALNYSWNIPAYWTYRMLRENGVDVKG
YMEKMGYEIPEYGIESLPMGGGIEVTVAQHTNGYQTLANNGVYHQKHVISKIEAADGRVVYEYQDKPVQVYSKATATIMQ
GLLREVLSSRVTTTFKSNLTSLNPTLANADWIGKTGTTGQDENMWLMLSTPRLTLGGWIGHDDNHSLSQQAGYSNNSNYM
AHLVNAIQQASPSIWGNERFALDPSVVKSEVLKSTGQKPGKVSVEGKEVEVTGSTVTSYWANKSGAPATSYRFAIGGSDA
DYQNAWSSIVGSLP
;
_entity_poly.pdbx_strand_id   A,B
#
# COMPACT_ATOMS: atom_id res chain seq x y z
N SER A 6 -18.89 -38.45 28.70
CA SER A 6 -18.80 -37.87 27.32
C SER A 6 -17.58 -36.99 27.11
N GLU A 7 -16.96 -37.13 25.95
CA GLU A 7 -15.69 -36.49 25.66
C GLU A 7 -15.72 -35.78 24.32
N ILE A 8 -15.04 -34.64 24.25
CA ILE A 8 -14.85 -33.88 22.99
C ILE A 8 -13.36 -33.88 22.62
N THR A 9 -13.04 -34.27 21.38
CA THR A 9 -11.65 -34.40 20.93
C THR A 9 -11.26 -33.54 19.74
N TYR A 10 -9.94 -33.36 19.59
CA TYR A 10 -9.32 -32.74 18.42
C TYR A 10 -9.40 -33.71 17.24
N SER A 11 -9.03 -33.26 16.04
CA SER A 11 -9.11 -34.13 14.88
C SER A 11 -8.33 -35.43 15.10
N ASP A 12 -7.18 -35.36 15.79
CA ASP A 12 -6.28 -36.52 15.98
C ASP A 12 -6.76 -37.52 17.04
N GLY A 13 -7.74 -37.10 17.83
CA GLY A 13 -8.23 -37.93 18.93
C GLY A 13 -7.94 -37.39 20.32
N THR A 14 -7.07 -36.39 20.42
CA THR A 14 -6.70 -35.79 21.72
C THR A 14 -7.89 -35.10 22.42
N VAL A 15 -8.06 -35.35 23.72
CA VAL A 15 -9.23 -34.86 24.44
C VAL A 15 -9.16 -33.35 24.60
N ILE A 16 -10.18 -32.65 24.12
CA ILE A 16 -10.41 -31.26 24.50
C ILE A 16 -11.02 -31.13 25.90
N ALA A 17 -12.11 -31.85 26.18
CA ALA A 17 -12.74 -31.81 27.52
C ALA A 17 -13.82 -32.88 27.70
N SER A 18 -14.24 -33.08 28.96
CA SER A 18 -15.35 -33.96 29.32
C SER A 18 -16.63 -33.18 29.66
N ILE A 19 -17.78 -33.68 29.22
CA ILE A 19 -19.08 -33.08 29.50
C ILE A 19 -19.83 -33.92 30.53
N ASP A 40 -11.14 -20.45 25.75
CA ASP A 40 -12.33 -21.08 26.34
C ASP A 40 -13.52 -21.13 25.38
N TYR A 41 -13.37 -20.46 24.24
CA TYR A 41 -14.36 -20.53 23.15
C TYR A 41 -14.45 -21.96 22.60
N LEU A 42 -13.32 -22.66 22.63
CA LEU A 42 -13.22 -23.95 21.95
C LEU A 42 -14.22 -24.92 22.60
N TYR A 43 -14.31 -24.87 23.93
CA TYR A 43 -15.25 -25.75 24.63
C TYR A 43 -16.69 -25.43 24.22
N PHE A 44 -17.08 -24.17 24.36
CA PHE A 44 -18.47 -23.80 24.19
C PHE A 44 -18.93 -23.94 22.75
N THR A 45 -18.04 -23.64 21.82
CA THR A 45 -18.37 -23.70 20.41
C THR A 45 -18.63 -25.15 20.02
N THR A 46 -17.64 -26.00 20.32
CA THR A 46 -17.70 -27.41 19.90
C THR A 46 -18.82 -28.18 20.64
N LEU A 47 -19.03 -27.87 21.92
CA LEU A 47 -20.16 -28.43 22.67
C LEU A 47 -21.50 -27.99 22.06
N ALA A 48 -21.58 -26.70 21.67
CA ALA A 48 -22.82 -26.17 21.16
C ALA A 48 -23.15 -26.86 19.87
N GLU A 49 -22.16 -27.08 19.03
CA GLU A 49 -22.41 -27.70 17.72
C GLU A 49 -22.68 -29.18 17.89
N ALA A 50 -21.86 -29.82 18.72
CA ALA A 50 -22.18 -31.16 19.26
C ALA A 50 -23.66 -31.27 19.58
N GLN A 51 -24.20 -30.26 20.25
CA GLN A 51 -25.59 -30.28 20.71
C GLN A 51 -26.60 -30.12 19.61
N GLU A 52 -26.31 -29.22 18.68
CA GLU A 52 -27.17 -29.04 17.53
C GLU A 52 -27.23 -30.31 16.71
N ARG A 53 -26.10 -31.00 16.63
CA ARG A 53 -26.07 -32.28 15.95
C ARG A 53 -26.96 -33.33 16.64
N MET A 54 -26.83 -33.39 17.97
CA MET A 54 -27.63 -34.32 18.79
C MET A 54 -29.12 -33.97 18.64
N TYR A 55 -29.41 -32.67 18.60
CA TYR A 55 -30.76 -32.18 18.40
C TYR A 55 -31.41 -32.74 17.12
N ASP A 56 -30.73 -32.56 15.98
CA ASP A 56 -31.20 -33.09 14.70
C ASP A 56 -31.42 -34.58 14.81
N TYR A 57 -30.47 -35.25 15.45
CA TYR A 57 -30.48 -36.71 15.61
C TYR A 57 -31.71 -37.19 16.41
N LEU A 58 -31.97 -36.51 17.52
CA LEU A 58 -33.03 -36.90 18.44
C LEU A 58 -34.37 -36.62 17.76
N ALA A 59 -34.46 -35.48 17.09
CA ALA A 59 -35.73 -35.11 16.46
C ALA A 59 -36.02 -36.10 15.32
N GLN A 60 -34.95 -36.50 14.64
CA GLN A 60 -35.02 -37.52 13.62
C GLN A 60 -35.42 -38.85 14.24
N ARG A 61 -34.71 -39.23 15.31
CA ARG A 61 -35.01 -40.49 16.04
C ARG A 61 -36.48 -40.55 16.45
N ASP A 62 -37.06 -39.41 16.82
CA ASP A 62 -38.44 -39.43 17.31
C ASP A 62 -39.45 -38.97 16.27
N ASN A 63 -39.02 -38.89 15.01
CA ASN A 63 -39.93 -38.57 13.93
C ASN A 63 -40.73 -37.28 14.24
N VAL A 64 -40.06 -36.25 14.73
CA VAL A 64 -40.72 -34.94 14.91
C VAL A 64 -40.76 -34.31 13.51
N SER A 65 -41.96 -34.06 12.96
CA SER A 65 -42.04 -33.30 11.68
C SER A 65 -41.62 -31.84 11.83
N ALA A 66 -41.29 -31.20 10.71
CA ALA A 66 -40.67 -29.86 10.70
C ALA A 66 -41.68 -28.79 11.10
N LYS A 67 -42.96 -29.13 11.05
CA LYS A 67 -44.01 -28.29 11.58
C LYS A 67 -43.92 -28.21 13.10
N GLU A 68 -43.88 -29.36 13.77
CA GLU A 68 -43.74 -29.37 15.23
C GLU A 68 -42.40 -28.79 15.61
N LEU A 69 -41.39 -29.04 14.77
CA LEU A 69 -40.04 -28.48 14.95
C LEU A 69 -40.11 -26.96 14.90
N LYS A 70 -40.97 -26.44 14.03
CA LYS A 70 -41.25 -25.02 13.96
C LYS A 70 -41.71 -24.49 15.34
N ASN A 71 -42.27 -25.37 16.15
CA ASN A 71 -42.92 -25.00 17.41
C ASN A 71 -41.94 -24.75 18.55
N GLU A 72 -42.18 -23.71 19.35
CA GLU A 72 -41.12 -23.18 20.21
C GLU A 72 -40.83 -23.99 21.46
N ALA A 73 -41.88 -24.57 22.06
CA ALA A 73 -41.73 -25.36 23.28
C ALA A 73 -41.19 -26.77 23.03
N THR A 74 -41.61 -27.40 21.93
CA THR A 74 -40.84 -28.49 21.30
C THR A 74 -39.34 -28.20 21.13
N GLN A 75 -39.03 -27.06 20.52
CA GLN A 75 -37.65 -26.61 20.40
C GLN A 75 -36.91 -26.61 21.73
N LYS A 76 -37.47 -25.95 22.73
CA LYS A 76 -36.85 -25.89 24.05
C LYS A 76 -36.63 -27.32 24.63
N PHE A 77 -37.64 -28.18 24.47
CA PHE A 77 -37.60 -29.55 24.99
C PHE A 77 -36.51 -30.33 24.32
N TYR A 78 -36.47 -30.32 22.98
CA TYR A 78 -35.43 -31.03 22.24
C TYR A 78 -34.00 -30.50 22.45
N ARG A 79 -33.88 -29.19 22.64
CA ARG A 79 -32.59 -28.58 23.00
C ARG A 79 -32.09 -29.12 24.35
N ASP A 80 -32.94 -28.98 25.36
CA ASP A 80 -32.65 -29.54 26.67
C ASP A 80 -32.32 -31.04 26.62
N LEU A 81 -33.05 -31.82 25.81
CA LEU A 81 -32.79 -33.27 25.70
C LEU A 81 -31.45 -33.57 25.01
N ALA A 82 -31.10 -32.75 24.01
CA ALA A 82 -29.84 -32.92 23.31
C ALA A 82 -28.70 -32.71 24.30
N ALA A 83 -28.87 -31.69 25.14
CA ALA A 83 -27.84 -31.29 26.10
C ALA A 83 -27.65 -32.34 27.19
N LYS A 84 -28.75 -32.85 27.75
CA LYS A 84 -28.62 -33.93 28.74
C LYS A 84 -28.09 -35.23 28.14
N GLU A 85 -28.55 -35.53 26.93
CA GLU A 85 -28.08 -36.68 26.21
C GLU A 85 -26.54 -36.66 26.11
N ILE A 86 -25.97 -35.48 25.86
CA ILE A 86 -24.52 -35.35 25.88
C ILE A 86 -23.89 -35.49 27.27
N GLU A 87 -24.41 -34.79 28.29
CA GLU A 87 -23.90 -35.01 29.65
C GLU A 87 -24.04 -36.46 30.14
N ASN A 88 -25.26 -37.00 30.10
CA ASN A 88 -25.52 -38.35 30.61
C ASN A 88 -25.01 -39.47 29.73
N GLY A 89 -24.94 -39.21 28.43
CA GLY A 89 -24.51 -40.25 27.49
C GLY A 89 -23.05 -40.56 27.73
N GLY A 90 -22.54 -41.56 27.01
CA GLY A 90 -21.11 -41.83 27.02
C GLY A 90 -20.55 -41.57 25.64
N TYR A 91 -20.77 -40.36 25.14
CA TYR A 91 -20.45 -40.00 23.75
C TYR A 91 -19.00 -39.58 23.55
N LYS A 92 -18.39 -40.11 22.49
CA LYS A 92 -17.18 -39.53 21.97
C LYS A 92 -17.52 -38.62 20.79
N ILE A 93 -17.18 -37.33 20.95
CA ILE A 93 -17.43 -36.28 19.98
C ILE A 93 -16.11 -35.89 19.29
N THR A 94 -15.97 -36.24 18.02
CA THR A 94 -14.74 -35.92 17.30
C THR A 94 -14.92 -34.59 16.58
N THR A 95 -14.09 -33.61 16.92
CA THR A 95 -14.11 -32.36 16.16
C THR A 95 -13.10 -32.35 15.03
N THR A 96 -13.24 -31.36 14.15
CA THR A 96 -12.27 -31.07 13.08
C THR A 96 -11.09 -30.18 13.52
N ILE A 97 -11.13 -29.65 14.75
CA ILE A 97 -10.10 -28.72 15.22
C ILE A 97 -8.69 -29.37 15.27
N ASP A 98 -7.74 -28.67 14.66
CA ASP A 98 -6.33 -28.97 14.75
C ASP A 98 -5.78 -28.29 15.99
N GLN A 99 -5.35 -29.07 16.99
CA GLN A 99 -4.91 -28.45 18.24
C GLN A 99 -3.79 -27.40 18.06
N LYS A 100 -2.72 -27.79 17.36
CA LYS A 100 -1.54 -26.91 17.21
C LYS A 100 -1.96 -25.59 16.55
N ILE A 101 -2.73 -25.70 15.47
CA ILE A 101 -3.18 -24.55 14.67
C ILE A 101 -4.16 -23.65 15.44
N HIS A 102 -5.19 -24.27 16.05
CA HIS A 102 -6.15 -23.54 16.90
C HIS A 102 -5.45 -22.83 18.05
N SER A 103 -4.55 -23.57 18.68
CA SER A 103 -3.77 -23.03 19.74
C SER A 103 -2.92 -21.82 19.29
N ALA A 104 -2.23 -21.96 18.16
CA ALA A 104 -1.42 -20.89 17.63
C ALA A 104 -2.30 -19.67 17.31
N MET A 105 -3.51 -19.92 16.83
CA MET A 105 -4.44 -18.82 16.54
C MET A 105 -4.87 -18.05 17.80
N GLN A 106 -5.11 -18.76 18.89
CA GLN A 106 -5.37 -18.17 20.22
C GLN A 106 -4.24 -17.25 20.64
N SER A 107 -3.02 -17.78 20.58
CA SER A 107 -1.81 -16.99 20.83
C SER A 107 -1.66 -15.80 19.90
N ALA A 108 -1.97 -15.99 18.62
CA ALA A 108 -1.88 -14.88 17.67
C ALA A 108 -2.77 -13.70 18.09
N VAL A 109 -4.02 -14.03 18.46
CA VAL A 109 -4.96 -12.99 18.86
C VAL A 109 -4.64 -12.42 20.23
N ALA A 110 -4.11 -13.24 21.14
CA ALA A 110 -3.61 -12.68 22.39
C ALA A 110 -2.44 -11.78 22.12
N ASP A 111 -1.54 -12.15 21.21
CA ASP A 111 -0.31 -11.37 21.05
C ASP A 111 -0.49 -10.16 20.16
N TYR A 112 -1.41 -10.24 19.21
CA TYR A 112 -1.48 -9.21 18.17
C TYR A 112 -2.84 -8.53 18.03
N GLY A 113 -3.83 -8.99 18.82
CA GLY A 113 -5.14 -8.36 18.87
C GLY A 113 -5.05 -6.86 19.14
N TYR A 114 -4.07 -6.43 19.95
CA TYR A 114 -3.89 -5.00 20.23
C TYR A 114 -3.69 -4.14 18.96
N LEU A 115 -3.30 -4.78 17.84
CA LEU A 115 -3.14 -4.10 16.55
C LEU A 115 -4.45 -3.58 15.99
N LEU A 116 -5.56 -4.16 16.44
CA LEU A 116 -6.89 -3.76 16.00
C LEU A 116 -7.40 -2.49 16.63
N ASP A 117 -6.91 -2.18 17.82
CA ASP A 117 -7.52 -1.11 18.60
C ASP A 117 -7.08 0.14 17.90
N ASP A 118 -8.00 1.10 17.75
CA ASP A 118 -7.74 2.22 16.85
C ASP A 118 -8.25 3.55 17.43
N GLY A 119 -8.58 3.58 18.72
CA GLY A 119 -9.09 4.80 19.35
C GLY A 119 -10.58 4.97 19.13
N THR A 120 -11.27 3.92 18.71
CA THR A 120 -12.74 3.91 18.79
C THR A 120 -13.26 2.97 19.89
N GLY A 121 -12.41 2.62 20.85
CA GLY A 121 -12.76 1.60 21.83
C GLY A 121 -12.15 0.28 21.43
N ARG A 122 -12.53 -0.77 22.14
CA ARG A 122 -11.86 -2.03 21.98
C ARG A 122 -12.51 -2.83 20.83
N VAL A 123 -11.69 -3.29 19.91
CA VAL A 123 -12.17 -3.76 18.62
C VAL A 123 -12.21 -5.27 18.69
N GLU A 124 -13.42 -5.81 18.49
CA GLU A 124 -13.65 -7.24 18.52
C GLU A 124 -13.35 -7.93 17.19
N VAL A 125 -13.09 -9.22 17.24
CA VAL A 125 -12.55 -9.89 16.06
C VAL A 125 -13.16 -11.30 15.97
N GLY A 126 -13.40 -11.76 14.74
CA GLY A 126 -13.76 -13.16 14.42
C GLY A 126 -12.97 -13.69 13.23
N ASN A 127 -12.36 -14.87 13.39
CA ASN A 127 -11.69 -15.57 12.27
C ASN A 127 -12.07 -17.04 12.22
N VAL A 128 -12.25 -17.58 11.00
CA VAL A 128 -12.47 -19.02 10.81
C VAL A 128 -11.51 -19.54 9.73
N LEU A 129 -10.69 -20.54 10.08
CA LEU A 129 -9.77 -21.23 9.16
C LEU A 129 -10.37 -22.53 8.66
N MET A 130 -10.53 -22.65 7.34
CA MET A 130 -11.36 -23.71 6.75
C MET A 130 -10.58 -24.45 5.62
N ASP A 131 -10.56 -25.77 5.70
CA ASP A 131 -9.99 -26.61 4.63
C ASP A 131 -10.83 -26.50 3.37
N ASN A 132 -10.24 -26.09 2.26
CA ASN A 132 -11.08 -25.74 1.09
C ASN A 132 -11.64 -27.00 0.43
N GLN A 133 -10.99 -28.14 0.64
CA GLN A 133 -11.38 -29.36 -0.04
C GLN A 133 -12.39 -30.19 0.74
N THR A 134 -12.60 -29.86 2.02
CA THR A 134 -13.53 -30.61 2.85
C THR A 134 -14.58 -29.74 3.52
N GLY A 135 -14.28 -28.46 3.74
CA GLY A 135 -15.13 -27.59 4.52
C GLY A 135 -14.93 -27.77 6.00
N ALA A 136 -13.98 -28.59 6.40
CA ALA A 136 -13.69 -28.74 7.82
C ALA A 136 -13.09 -27.44 8.36
N ILE A 137 -13.40 -27.12 9.62
CA ILE A 137 -12.85 -25.93 10.26
C ILE A 137 -11.72 -26.33 11.21
N LEU A 138 -10.51 -25.87 10.90
CA LEU A 138 -9.29 -26.32 11.57
C LEU A 138 -9.01 -25.55 12.85
N GLY A 139 -9.59 -24.34 12.94
CA GLY A 139 -9.28 -23.42 14.02
C GLY A 139 -10.05 -22.13 13.85
N PHE A 140 -10.21 -21.38 14.92
CA PHE A 140 -10.96 -20.12 14.80
C PHE A 140 -10.51 -19.15 15.88
N VAL A 141 -10.86 -17.87 15.73
CA VAL A 141 -10.70 -16.91 16.81
C VAL A 141 -12.12 -16.38 17.10
N GLY A 142 -12.56 -16.53 18.34
CA GLY A 142 -13.93 -16.15 18.76
C GLY A 142 -14.07 -14.69 19.18
N GLY A 143 -12.94 -14.03 19.48
CA GLY A 143 -12.97 -12.72 20.10
C GLY A 143 -11.64 -12.41 20.74
N ARG A 144 -11.47 -11.17 21.20
CA ARG A 144 -10.21 -10.72 21.77
C ARG A 144 -9.81 -11.52 23.03
N ASN A 145 -10.81 -12.01 23.75
CA ASN A 145 -10.56 -12.54 25.11
C ASN A 145 -11.84 -13.03 25.77
N TYR A 146 -12.03 -14.35 25.72
CA TYR A 146 -13.24 -14.96 26.24
C TYR A 146 -13.54 -14.52 27.67
N GLN A 147 -12.50 -14.45 28.51
CA GLN A 147 -12.63 -13.92 29.86
C GLN A 147 -13.30 -12.52 29.92
N GLU A 148 -12.91 -11.62 29.02
CA GLU A 148 -13.38 -10.22 29.07
C GLU A 148 -14.80 -10.09 28.50
N ASN A 149 -15.12 -10.92 27.52
CA ASN A 149 -16.29 -10.76 26.66
C ASN A 149 -16.55 -12.10 25.97
N GLN A 150 -17.70 -12.68 26.26
CA GLN A 150 -17.98 -14.05 25.84
C GLN A 150 -18.63 -14.18 24.48
N ASN A 151 -19.02 -13.06 23.85
CA ASN A 151 -19.64 -13.15 22.53
C ASN A 151 -18.73 -13.86 21.54
N ASN A 152 -19.31 -14.79 20.80
CA ASN A 152 -18.58 -15.56 19.83
C ASN A 152 -18.71 -14.99 18.42
N HIS A 153 -17.65 -14.31 17.99
CA HIS A 153 -17.68 -13.49 16.79
C HIS A 153 -17.38 -14.27 15.52
N ALA A 154 -17.03 -15.55 15.70
CA ALA A 154 -16.72 -16.43 14.57
C ALA A 154 -17.98 -17.16 14.17
N PHE A 155 -18.80 -17.53 15.15
CA PHE A 155 -19.94 -18.44 14.91
C PHE A 155 -21.31 -17.83 15.14
N ASP A 156 -21.42 -16.85 16.03
CA ASP A 156 -22.74 -16.29 16.41
C ASP A 156 -23.02 -14.91 15.84
N THR A 157 -22.05 -14.00 15.89
CA THR A 157 -22.35 -12.63 15.48
C THR A 157 -22.65 -12.58 13.96
N LYS A 158 -23.66 -11.82 13.56
CA LYS A 158 -23.98 -11.64 12.14
C LYS A 158 -23.91 -10.18 11.71
N ARG A 159 -23.10 -9.88 10.70
CA ARG A 159 -22.93 -8.49 10.27
C ARG A 159 -22.98 -8.49 8.76
N SER A 160 -23.32 -7.36 8.16
CA SER A 160 -23.25 -7.29 6.70
C SER A 160 -21.83 -7.56 6.22
N PRO A 161 -21.73 -8.47 5.28
CA PRO A 161 -20.46 -8.76 4.66
C PRO A 161 -20.00 -7.66 3.68
N ALA A 162 -20.84 -6.64 3.43
CA ALA A 162 -20.47 -5.51 2.53
C ALA A 162 -19.88 -5.96 1.20
N SER A 163 -18.80 -5.32 0.75
CA SER A 163 -18.26 -5.55 -0.59
C SER A 163 -17.73 -6.94 -0.87
N THR A 164 -17.45 -7.71 0.18
CA THR A 164 -17.12 -9.12 -0.05
C THR A 164 -18.30 -9.93 -0.56
N THR A 165 -19.45 -9.28 -0.65
CA THR A 165 -20.63 -9.85 -1.29
C THR A 165 -20.42 -9.87 -2.80
N LYS A 166 -19.67 -8.88 -3.31
CA LYS A 166 -19.62 -8.64 -4.77
C LYS A 166 -19.11 -9.81 -5.62
N PRO A 167 -18.02 -10.48 -5.21
CA PRO A 167 -17.56 -11.58 -6.06
C PRO A 167 -18.59 -12.71 -6.12
N LEU A 168 -19.37 -12.90 -5.06
CA LEU A 168 -20.18 -14.12 -4.97
C LEU A 168 -21.52 -13.93 -5.67
N LEU A 169 -22.17 -12.78 -5.42
CA LEU A 169 -23.58 -12.62 -5.71
C LEU A 169 -23.79 -11.81 -7.00
N ALA A 170 -22.79 -11.00 -7.34
CA ALA A 170 -22.83 -10.14 -8.55
C ALA A 170 -21.91 -10.71 -9.61
N TYR A 171 -20.59 -10.53 -9.44
CA TYR A 171 -19.66 -10.82 -10.51
C TYR A 171 -19.54 -12.29 -10.84
N GLY A 172 -19.35 -13.14 -9.83
CA GLY A 172 -19.26 -14.57 -10.09
C GLY A 172 -20.47 -15.16 -10.83
N ILE A 173 -21.67 -14.76 -10.40
CA ILE A 173 -22.93 -15.17 -11.08
C ILE A 173 -23.04 -14.69 -12.54
N ALA A 174 -22.69 -13.43 -12.76
CA ALA A 174 -22.75 -12.80 -14.07
C ALA A 174 -21.81 -13.50 -15.04
N ILE A 175 -20.63 -13.89 -14.56
CA ILE A 175 -19.67 -14.65 -15.35
C ILE A 175 -20.20 -16.06 -15.61
N ASP A 176 -20.75 -16.70 -14.58
CA ASP A 176 -21.18 -18.09 -14.67
C ASP A 176 -22.31 -18.18 -15.66
N GLN A 177 -23.08 -17.11 -15.79
CA GLN A 177 -24.20 -17.06 -16.74
C GLN A 177 -23.77 -16.66 -18.13
N GLY A 178 -22.52 -16.26 -18.29
CA GLY A 178 -22.02 -15.88 -19.61
C GLY A 178 -22.47 -14.48 -20.02
N LEU A 179 -22.75 -13.63 -19.02
CA LEU A 179 -23.12 -12.24 -19.29
C LEU A 179 -21.90 -11.34 -19.15
N MET A 180 -20.75 -11.93 -18.86
CA MET A 180 -19.60 -11.14 -18.46
C MET A 180 -18.32 -11.98 -18.62
N GLY A 181 -17.23 -11.37 -19.10
CA GLY A 181 -15.90 -11.99 -18.99
C GLY A 181 -14.92 -11.15 -18.15
N SER A 182 -13.67 -11.61 -18.04
CA SER A 182 -12.70 -11.03 -17.10
C SER A 182 -12.36 -9.56 -17.37
N GLU A 183 -12.46 -9.17 -18.64
CA GLU A 183 -12.08 -7.82 -19.05
C GLU A 183 -13.27 -7.03 -19.62
N THR A 184 -14.48 -7.46 -19.26
CA THR A 184 -15.69 -6.76 -19.60
C THR A 184 -15.67 -5.37 -18.96
N ILE A 185 -16.38 -4.43 -19.59
CA ILE A 185 -16.46 -3.05 -19.09
C ILE A 185 -17.79 -2.79 -18.38
N LEU A 186 -17.73 -2.10 -17.23
CA LEU A 186 -18.93 -1.70 -16.50
C LEU A 186 -18.96 -0.21 -16.27
N SER A 187 -20.15 0.34 -16.12
CA SER A 187 -20.30 1.76 -15.81
C SER A 187 -20.09 2.05 -14.33
N ASN A 188 -19.18 2.97 -14.02
CA ASN A 188 -19.14 3.63 -12.74
C ASN A 188 -19.51 5.10 -12.87
N TYR A 189 -20.24 5.46 -13.93
CA TYR A 189 -20.87 6.78 -14.00
C TYR A 189 -21.87 6.99 -12.87
N PRO A 190 -21.95 8.22 -12.35
CA PRO A 190 -22.95 8.59 -11.37
C PRO A 190 -24.31 8.08 -11.72
N THR A 191 -24.97 7.42 -10.77
CA THR A 191 -26.35 7.01 -10.98
C THR A 191 -27.07 7.00 -9.65
N ASN A 192 -28.40 7.10 -9.70
CA ASN A 192 -29.24 7.12 -8.51
C ASN A 192 -29.99 5.82 -8.23
N PHE A 193 -30.12 5.50 -6.93
CA PHE A 193 -31.17 4.55 -6.51
C PHE A 193 -32.54 5.05 -6.95
N ALA A 194 -33.55 4.21 -6.80
CA ALA A 194 -34.92 4.51 -7.22
C ALA A 194 -35.56 5.68 -6.46
N ASN A 195 -35.21 5.84 -5.19
CA ASN A 195 -35.61 7.05 -4.47
C ASN A 195 -35.02 8.34 -5.04
N GLY A 196 -34.00 8.23 -5.89
CA GLY A 196 -33.34 9.41 -6.45
C GLY A 196 -32.06 9.88 -5.72
N ASN A 197 -31.71 9.26 -4.59
CA ASN A 197 -30.39 9.44 -4.01
C ASN A 197 -29.28 8.77 -4.81
N PRO A 198 -28.16 9.49 -4.89
CA PRO A 198 -26.93 8.98 -5.57
C PRO A 198 -26.38 7.72 -4.92
N ILE A 199 -26.03 6.74 -5.74
CA ILE A 199 -25.21 5.64 -5.28
C ILE A 199 -23.79 6.15 -5.03
N MET A 200 -23.32 6.02 -3.78
CA MET A 200 -22.03 6.56 -3.33
C MET A 200 -20.98 5.45 -3.05
N TYR A 201 -19.70 5.82 -3.19
CA TYR A 201 -18.60 5.00 -2.72
C TYR A 201 -17.58 5.92 -2.07
N ALA A 202 -17.37 5.76 -0.77
CA ALA A 202 -16.70 6.78 0.04
C ALA A 202 -17.32 8.15 -0.29
N ASN A 203 -16.46 9.05 -0.76
CA ASN A 203 -16.90 10.40 -1.06
C ASN A 203 -17.35 10.57 -2.50
N SER A 204 -17.32 9.49 -3.27
CA SER A 204 -17.45 9.63 -4.71
C SER A 204 -18.83 9.27 -5.21
N LYS A 205 -19.38 10.14 -6.06
CA LYS A 205 -20.56 9.86 -6.85
C LYS A 205 -20.25 8.98 -8.08
N GLY A 206 -18.98 8.70 -8.31
CA GLY A 206 -18.59 7.81 -9.40
C GLY A 206 -17.66 8.47 -10.42
N THR A 207 -17.35 7.75 -11.49
CA THR A 207 -16.36 8.22 -12.46
C THR A 207 -16.91 7.94 -13.86
N GLY A 208 -16.40 6.89 -14.50
CA GLY A 208 -16.88 6.51 -15.84
C GLY A 208 -16.76 5.02 -16.05
N MET A 209 -16.46 4.62 -17.30
CA MET A 209 -16.36 3.20 -17.61
C MET A 209 -15.11 2.66 -16.94
N MET A 210 -15.11 1.37 -16.63
CA MET A 210 -13.91 0.73 -16.13
C MET A 210 -14.06 -0.79 -16.34
N THR A 211 -12.96 -1.52 -16.27
CA THR A 211 -13.00 -2.99 -16.34
C THR A 211 -13.44 -3.66 -15.01
N LEU A 212 -13.91 -4.90 -15.11
CA LEU A 212 -14.25 -5.70 -13.93
C LEU A 212 -13.09 -5.75 -12.94
N GLY A 213 -11.86 -5.84 -13.46
CA GLY A 213 -10.66 -5.89 -12.64
C GLY A 213 -10.57 -4.62 -11.82
N GLU A 214 -10.78 -3.44 -12.42
CA GLU A 214 -10.57 -2.21 -11.65
C GLU A 214 -11.75 -2.04 -10.69
N ALA A 215 -12.95 -2.40 -11.15
CA ALA A 215 -14.14 -2.32 -10.32
C ALA A 215 -13.94 -3.13 -9.04
N LEU A 216 -13.30 -4.27 -9.19
CA LEU A 216 -13.03 -5.19 -8.09
C LEU A 216 -11.90 -4.73 -7.16
N ASN A 217 -10.78 -4.29 -7.72
CA ASN A 217 -9.65 -3.86 -6.92
C ASN A 217 -10.03 -2.65 -6.08
N TYR A 218 -10.72 -1.70 -6.70
CA TYR A 218 -11.19 -0.52 -6.01
C TYR A 218 -12.44 -0.69 -5.18
N SER A 219 -13.20 -1.74 -5.47
CA SER A 219 -14.44 -2.02 -4.74
C SER A 219 -15.53 -1.00 -4.98
N TRP A 220 -15.67 -0.51 -6.22
CA TRP A 220 -16.68 0.49 -6.51
C TRP A 220 -18.09 -0.10 -6.37
N ASN A 221 -19.07 0.77 -6.20
CA ASN A 221 -20.40 0.32 -5.85
C ASN A 221 -21.35 0.23 -7.05
N ILE A 222 -21.34 1.25 -7.90
CA ILE A 222 -22.21 1.31 -9.07
C ILE A 222 -22.06 0.13 -10.06
N PRO A 223 -20.84 -0.32 -10.35
CA PRO A 223 -20.69 -1.48 -11.24
C PRO A 223 -21.37 -2.73 -10.68
N ALA A 224 -21.37 -2.84 -9.35
CA ALA A 224 -22.04 -3.95 -8.67
C ALA A 224 -23.55 -3.78 -8.77
N TYR A 225 -24.03 -2.56 -8.51
CA TYR A 225 -25.48 -2.28 -8.69
C TYR A 225 -25.95 -2.69 -10.10
N TRP A 226 -25.26 -2.21 -11.15
CA TRP A 226 -25.65 -2.56 -12.51
C TRP A 226 -25.59 -4.07 -12.74
N THR A 227 -24.59 -4.74 -12.21
CA THR A 227 -24.48 -6.17 -12.46
C THR A 227 -25.67 -6.93 -11.91
N TYR A 228 -26.01 -6.71 -10.64
CA TYR A 228 -27.18 -7.39 -10.06
C TYR A 228 -28.45 -6.98 -10.82
N ARG A 229 -28.55 -5.70 -11.17
CA ARG A 229 -29.67 -5.28 -12.04
C ARG A 229 -29.78 -6.08 -13.33
N MET A 230 -28.65 -6.33 -14.00
CA MET A 230 -28.66 -7.22 -15.16
C MET A 230 -29.11 -8.64 -14.84
N LEU A 231 -28.69 -9.19 -13.71
CA LEU A 231 -29.11 -10.53 -13.35
C LEU A 231 -30.63 -10.60 -13.15
N ARG A 232 -31.21 -9.65 -12.42
CA ARG A 232 -32.67 -9.58 -12.34
C ARG A 232 -33.31 -9.46 -13.73
N GLU A 233 -32.81 -8.55 -14.59
CA GLU A 233 -33.36 -8.45 -15.96
C GLU A 233 -33.34 -9.77 -16.72
N ASN A 234 -32.28 -10.57 -16.57
CA ASN A 234 -32.24 -11.87 -17.29
C ASN A 234 -32.95 -12.98 -16.52
N GLY A 235 -33.62 -12.62 -15.42
CA GLY A 235 -34.33 -13.53 -14.56
C GLY A 235 -33.44 -14.62 -13.95
N VAL A 236 -32.22 -14.27 -13.54
CA VAL A 236 -31.25 -15.30 -13.12
C VAL A 236 -31.60 -15.77 -11.70
N ASP A 237 -31.53 -17.09 -11.45
CA ASP A 237 -31.88 -17.61 -10.13
C ASP A 237 -30.75 -17.34 -9.13
N VAL A 238 -30.63 -16.09 -8.71
CA VAL A 238 -29.54 -15.71 -7.78
C VAL A 238 -29.64 -16.42 -6.41
N LYS A 239 -30.88 -16.62 -5.93
CA LYS A 239 -31.15 -17.39 -4.70
C LYS A 239 -30.65 -18.81 -4.78
N GLY A 240 -30.83 -19.43 -5.94
CA GLY A 240 -30.29 -20.76 -6.20
C GLY A 240 -28.82 -20.81 -5.84
N TYR A 241 -28.01 -19.99 -6.51
CA TYR A 241 -26.58 -19.90 -6.18
C TYR A 241 -26.31 -19.76 -4.67
N MET A 242 -26.93 -18.75 -4.05
CA MET A 242 -26.58 -18.35 -2.67
C MET A 242 -27.05 -19.42 -1.69
N GLU A 243 -28.24 -19.97 -1.95
CA GLU A 243 -28.71 -21.04 -1.08
C GLU A 243 -27.89 -22.30 -1.12
N LYS A 244 -27.28 -22.61 -2.26
CA LYS A 244 -26.38 -23.77 -2.36
C LYS A 244 -25.13 -23.65 -1.52
N MET A 245 -24.83 -22.43 -1.07
CA MET A 245 -23.64 -22.18 -0.23
C MET A 245 -24.06 -22.03 1.23
N GLY A 246 -25.36 -22.15 1.49
CA GLY A 246 -25.88 -22.14 2.86
C GLY A 246 -26.27 -20.75 3.32
N TYR A 247 -26.31 -19.78 2.39
CA TYR A 247 -26.68 -18.40 2.72
C TYR A 247 -28.19 -18.26 2.90
N GLU A 248 -28.62 -17.56 3.95
CA GLU A 248 -30.04 -17.22 4.16
C GLU A 248 -30.29 -15.73 4.10
N ILE A 249 -30.85 -15.28 2.98
CA ILE A 249 -31.10 -13.87 2.72
C ILE A 249 -32.62 -13.73 2.52
N PRO A 250 -33.31 -13.02 3.43
CA PRO A 250 -34.77 -13.03 3.43
C PRO A 250 -35.37 -12.30 2.25
N GLU A 251 -34.63 -11.36 1.65
CA GLU A 251 -35.19 -10.47 0.61
C GLU A 251 -34.16 -10.13 -0.47
N TYR A 252 -34.35 -10.66 -1.68
CA TYR A 252 -33.39 -10.45 -2.79
C TYR A 252 -33.76 -9.21 -3.60
N GLY A 253 -34.92 -8.62 -3.30
CA GLY A 253 -35.41 -7.44 -4.05
C GLY A 253 -34.87 -6.13 -3.45
N ILE A 254 -33.56 -6.01 -3.37
CA ILE A 254 -32.95 -4.82 -2.77
C ILE A 254 -31.84 -4.30 -3.70
N GLU A 255 -31.92 -3.03 -4.06
CA GLU A 255 -30.98 -2.48 -5.01
C GLU A 255 -29.53 -2.59 -4.53
N SER A 256 -29.31 -2.57 -3.21
CA SER A 256 -27.92 -2.57 -2.71
C SER A 256 -27.46 -3.97 -2.26
N LEU A 257 -28.25 -4.98 -2.58
CA LEU A 257 -27.91 -6.36 -2.21
C LEU A 257 -26.46 -6.74 -2.58
N PRO A 258 -26.01 -6.44 -3.80
CA PRO A 258 -24.66 -6.88 -4.20
C PRO A 258 -23.57 -6.22 -3.37
N MET A 259 -23.95 -5.11 -2.74
CA MET A 259 -23.05 -4.37 -1.90
C MET A 259 -23.06 -4.83 -0.44
N GLY A 260 -23.94 -5.78 -0.11
CA GLY A 260 -24.00 -6.29 1.26
C GLY A 260 -25.24 -5.79 1.99
N GLY A 261 -26.04 -4.95 1.33
CA GLY A 261 -27.23 -4.42 1.98
C GLY A 261 -28.33 -5.50 2.02
N GLY A 262 -28.99 -5.63 3.17
CA GLY A 262 -29.97 -6.72 3.36
C GLY A 262 -29.37 -8.09 3.63
N ILE A 263 -28.06 -8.17 3.82
CA ILE A 263 -27.40 -9.44 4.11
C ILE A 263 -26.66 -9.37 5.44
N GLU A 264 -26.74 -10.43 6.23
CA GLU A 264 -26.05 -10.53 7.51
C GLU A 264 -25.56 -11.97 7.69
N VAL A 265 -24.28 -12.18 7.97
CA VAL A 265 -23.71 -13.52 7.93
C VAL A 265 -22.71 -13.65 9.06
N THR A 266 -22.59 -14.86 9.62
CA THR A 266 -21.44 -15.15 10.51
C THR A 266 -20.12 -15.29 9.73
N VAL A 267 -18.99 -15.13 10.43
CA VAL A 267 -17.68 -15.35 9.79
C VAL A 267 -17.59 -16.78 9.25
N ALA A 268 -18.13 -17.76 9.99
CA ALA A 268 -18.08 -19.17 9.53
C ALA A 268 -18.85 -19.41 8.23
N GLN A 269 -20.09 -18.95 8.18
CA GLN A 269 -20.86 -19.10 6.99
C GLN A 269 -20.16 -18.37 5.81
N HIS A 270 -19.71 -17.13 6.03
CA HIS A 270 -19.13 -16.35 4.92
C HIS A 270 -17.81 -16.97 4.43
N THR A 271 -17.02 -17.51 5.35
CA THR A 271 -15.85 -18.27 4.97
C THR A 271 -16.22 -19.40 3.99
N ASN A 272 -17.39 -19.99 4.21
CA ASN A 272 -17.84 -21.12 3.39
C ASN A 272 -18.07 -20.65 1.95
N GLY A 273 -18.48 -19.40 1.78
CA GLY A 273 -18.64 -18.86 0.40
C GLY A 273 -17.32 -18.71 -0.35
N TYR A 274 -16.30 -18.21 0.33
CA TYR A 274 -15.01 -18.01 -0.32
C TYR A 274 -14.34 -19.36 -0.48
N GLN A 275 -14.70 -20.32 0.39
CA GLN A 275 -14.25 -21.71 0.20
C GLN A 275 -14.75 -22.25 -1.14
N THR A 276 -15.96 -21.87 -1.50
CA THR A 276 -16.54 -22.33 -2.74
C THR A 276 -15.78 -21.77 -3.95
N LEU A 277 -15.44 -20.48 -3.91
CA LEU A 277 -14.71 -19.88 -5.04
C LEU A 277 -13.31 -20.49 -5.11
N ALA A 278 -12.69 -20.63 -3.94
CA ALA A 278 -11.31 -21.12 -3.90
C ALA A 278 -11.20 -22.61 -4.31
N ASN A 279 -12.21 -23.40 -3.96
CA ASN A 279 -12.25 -24.85 -4.32
C ASN A 279 -12.79 -25.10 -5.75
N ASN A 280 -12.41 -24.22 -6.68
CA ASN A 280 -12.75 -24.34 -8.08
C ASN A 280 -14.23 -24.49 -8.33
N GLY A 281 -15.00 -23.75 -7.54
CA GLY A 281 -16.44 -23.63 -7.73
C GLY A 281 -17.21 -24.64 -6.90
N VAL A 282 -16.50 -25.53 -6.18
CA VAL A 282 -17.17 -26.67 -5.48
C VAL A 282 -17.32 -26.46 -3.97
N TYR A 283 -18.58 -26.33 -3.54
CA TYR A 283 -18.98 -26.17 -2.14
C TYR A 283 -18.88 -27.47 -1.32
N HIS A 284 -18.33 -27.37 -0.12
CA HIS A 284 -18.40 -28.43 0.86
C HIS A 284 -18.91 -27.74 2.10
N GLN A 285 -19.93 -28.32 2.72
CA GLN A 285 -20.56 -27.68 3.87
C GLN A 285 -19.64 -27.52 5.09
N LYS A 286 -19.58 -26.31 5.62
CA LYS A 286 -18.79 -26.07 6.80
C LYS A 286 -19.15 -27.06 7.94
N HIS A 287 -18.17 -27.40 8.75
CA HIS A 287 -18.51 -28.16 9.94
C HIS A 287 -17.34 -28.16 10.90
N VAL A 288 -17.67 -28.34 12.17
CA VAL A 288 -16.69 -28.42 13.23
C VAL A 288 -16.79 -29.78 13.91
N ILE A 289 -17.91 -30.48 13.69
CA ILE A 289 -18.10 -31.84 14.25
C ILE A 289 -18.03 -32.84 13.12
N SER A 290 -17.21 -33.84 13.34
CA SER A 290 -16.92 -34.84 12.36
C SER A 290 -17.77 -36.11 12.64
N LYS A 291 -17.85 -36.46 13.92
CA LYS A 291 -18.42 -37.71 14.38
C LYS A 291 -18.86 -37.64 15.83
N ILE A 292 -19.93 -38.35 16.13
CA ILE A 292 -20.41 -38.56 17.49
C ILE A 292 -20.72 -40.06 17.65
N GLU A 293 -20.05 -40.71 18.59
CA GLU A 293 -20.20 -42.16 18.78
C GLU A 293 -20.76 -42.46 20.15
N ALA A 294 -21.79 -43.32 20.19
CA ALA A 294 -22.34 -43.83 21.44
C ALA A 294 -21.34 -44.77 22.13
N ALA A 295 -21.60 -45.06 23.41
CA ALA A 295 -20.67 -45.78 24.27
C ALA A 295 -20.31 -47.12 23.66
N ASP A 296 -21.32 -47.78 23.11
CA ASP A 296 -21.10 -49.03 22.37
C ASP A 296 -20.58 -48.79 20.94
N GLY A 297 -20.49 -47.52 20.51
CA GLY A 297 -19.71 -47.17 19.33
C GLY A 297 -20.43 -47.17 17.99
N ARG A 298 -21.76 -47.13 18.01
CA ARG A 298 -22.53 -46.75 16.82
C ARG A 298 -22.45 -45.24 16.61
N VAL A 299 -22.20 -44.83 15.38
CA VAL A 299 -22.24 -43.41 15.04
C VAL A 299 -23.66 -42.86 15.20
N VAL A 300 -23.86 -42.00 16.19
CA VAL A 300 -25.04 -41.20 16.20
C VAL A 300 -25.04 -40.13 15.08
N TYR A 301 -23.87 -39.55 14.78
CA TYR A 301 -23.77 -38.61 13.67
C TYR A 301 -22.40 -38.76 13.04
N GLU A 302 -22.36 -38.80 11.71
CA GLU A 302 -21.09 -38.67 10.99
C GLU A 302 -21.22 -37.62 9.90
N TYR A 303 -20.20 -36.77 9.74
CA TYR A 303 -20.23 -35.79 8.66
C TYR A 303 -20.27 -36.46 7.27
N GLN A 304 -21.19 -35.99 6.42
CA GLN A 304 -21.44 -36.64 5.14
C GLN A 304 -21.18 -35.69 3.95
N ASP A 305 -20.11 -35.95 3.21
CA ASP A 305 -19.74 -35.01 2.18
C ASP A 305 -20.74 -34.93 1.03
N LYS A 306 -21.26 -33.72 0.77
CA LYS A 306 -22.20 -33.48 -0.31
C LYS A 306 -21.68 -32.42 -1.30
N PRO A 307 -20.55 -32.65 -1.97
CA PRO A 307 -19.93 -31.58 -2.77
C PRO A 307 -20.91 -31.02 -3.81
N VAL A 308 -21.02 -29.70 -3.92
CA VAL A 308 -21.97 -29.11 -4.88
C VAL A 308 -21.28 -28.13 -5.81
N GLN A 309 -21.41 -28.36 -7.11
CA GLN A 309 -20.78 -27.47 -8.10
C GLN A 309 -21.60 -26.16 -8.20
N VAL A 310 -21.25 -25.15 -7.44
CA VAL A 310 -22.07 -23.94 -7.41
C VAL A 310 -21.72 -23.02 -8.57
N TYR A 311 -20.43 -22.75 -8.77
CA TYR A 311 -20.00 -22.09 -10.01
C TYR A 311 -19.26 -23.10 -10.90
N SER A 312 -19.28 -22.90 -12.21
CA SER A 312 -18.50 -23.74 -13.11
C SER A 312 -17.03 -23.57 -12.72
N LYS A 313 -16.23 -24.59 -13.00
CA LYS A 313 -14.79 -24.51 -12.82
C LYS A 313 -14.21 -23.38 -13.61
N ALA A 314 -14.76 -23.08 -14.79
CA ALA A 314 -14.32 -21.90 -15.53
C ALA A 314 -14.53 -20.59 -14.77
N THR A 315 -15.70 -20.45 -14.17
CA THR A 315 -16.09 -19.22 -13.52
C THR A 315 -15.24 -19.07 -12.24
N ALA A 316 -15.13 -20.13 -11.46
CA ALA A 316 -14.41 -20.01 -10.20
C ALA A 316 -12.93 -19.72 -10.44
N THR A 317 -12.35 -20.30 -11.50
CA THR A 317 -10.92 -20.05 -11.73
C THR A 317 -10.63 -18.66 -12.27
N ILE A 318 -11.53 -18.13 -13.10
CA ILE A 318 -11.45 -16.74 -13.58
C ILE A 318 -11.56 -15.81 -12.38
N MET A 319 -12.55 -16.07 -11.53
CA MET A 319 -12.69 -15.26 -10.31
C MET A 319 -11.41 -15.29 -9.44
N GLN A 320 -10.78 -16.46 -9.34
CA GLN A 320 -9.51 -16.58 -8.61
C GLN A 320 -8.44 -15.58 -9.15
N GLY A 321 -8.31 -15.50 -10.47
CA GLY A 321 -7.32 -14.61 -11.08
C GLY A 321 -7.62 -13.17 -10.80
N LEU A 322 -8.91 -12.84 -10.72
CA LEU A 322 -9.35 -11.49 -10.34
C LEU A 322 -9.04 -11.13 -8.88
N LEU A 323 -9.21 -12.12 -8.00
CA LEU A 323 -9.13 -11.89 -6.56
C LEU A 323 -7.65 -11.94 -6.12
N ARG A 324 -6.81 -12.59 -6.92
CA ARG A 324 -5.36 -12.48 -6.79
C ARG A 324 -4.92 -11.02 -6.87
N GLU A 325 -5.48 -10.31 -7.83
CA GLU A 325 -5.08 -8.93 -8.10
C GLU A 325 -5.72 -7.90 -7.17
N VAL A 326 -6.85 -8.27 -6.61
CA VAL A 326 -7.42 -7.46 -5.54
C VAL A 326 -6.37 -7.32 -4.46
N LEU A 327 -5.78 -8.43 -4.07
CA LEU A 327 -4.69 -8.34 -3.06
C LEU A 327 -3.42 -7.65 -3.60
N SER A 328 -3.04 -8.00 -4.83
CA SER A 328 -1.76 -7.58 -5.41
C SER A 328 -1.73 -6.10 -5.55
N SER A 329 -2.78 -5.60 -6.19
CA SER A 329 -2.95 -4.18 -6.40
C SER A 329 -2.81 -3.41 -5.11
N ARG A 330 -3.17 -4.02 -3.97
CA ARG A 330 -3.09 -3.33 -2.66
C ARG A 330 -3.96 -2.07 -2.52
N VAL A 331 -5.00 -1.90 -3.32
CA VAL A 331 -5.80 -0.66 -3.24
C VAL A 331 -6.63 -0.56 -1.92
N THR A 332 -7.37 -1.61 -1.57
CA THR A 332 -8.21 -1.60 -0.35
C THR A 332 -7.62 -2.44 0.82
N THR A 333 -6.43 -3.00 0.67
CA THR A 333 -5.81 -3.73 1.79
C THR A 333 -4.26 -3.73 1.66
N THR A 334 -3.57 -3.59 2.78
CA THR A 334 -2.13 -3.58 2.75
C THR A 334 -1.61 -4.97 3.02
N PHE A 335 -2.50 -5.96 2.97
CA PHE A 335 -2.16 -7.31 3.45
C PHE A 335 -0.89 -7.86 2.82
N LYS A 336 -0.78 -7.80 1.50
CA LYS A 336 0.36 -8.44 0.85
C LYS A 336 1.67 -7.75 1.28
N SER A 337 1.64 -6.44 1.51
CA SER A 337 2.81 -5.70 2.05
C SER A 337 3.15 -6.13 3.49
N ASN A 338 2.14 -6.20 4.35
CA ASN A 338 2.34 -6.66 5.72
C ASN A 338 2.96 -8.01 5.75
N LEU A 339 2.38 -8.95 5.00
CA LEU A 339 2.89 -10.30 5.01
C LEU A 339 4.34 -10.43 4.50
N THR A 340 4.68 -9.73 3.42
CA THR A 340 6.05 -9.68 2.88
C THR A 340 7.04 -9.36 3.97
N SER A 341 6.77 -8.31 4.76
CA SER A 341 7.66 -7.97 5.87
C SER A 341 7.76 -9.02 7.00
N LEU A 342 6.65 -9.70 7.32
CA LEU A 342 6.69 -10.80 8.30
C LEU A 342 7.31 -12.08 7.79
N ASN A 343 7.07 -12.42 6.53
CA ASN A 343 7.51 -13.74 6.07
C ASN A 343 7.46 -13.77 4.55
N PRO A 344 8.56 -13.39 3.89
CA PRO A 344 8.55 -13.24 2.44
C PRO A 344 8.26 -14.56 1.73
N THR A 345 8.62 -15.70 2.31
CA THR A 345 8.28 -16.98 1.70
C THR A 345 6.77 -17.19 1.65
N LEU A 346 6.10 -16.99 2.79
CA LEU A 346 4.65 -17.17 2.86
C LEU A 346 3.91 -16.13 1.98
N ALA A 347 4.49 -14.95 1.84
CA ALA A 347 3.89 -13.95 0.92
C ALA A 347 3.87 -14.47 -0.50
N ASN A 348 4.71 -15.46 -0.79
CA ASN A 348 4.76 -16.02 -2.14
C ASN A 348 3.77 -17.16 -2.39
N ALA A 349 2.93 -17.49 -1.43
CA ALA A 349 1.91 -18.49 -1.71
C ALA A 349 0.93 -17.77 -2.59
N ASP A 350 0.03 -18.50 -3.24
CA ASP A 350 -0.86 -17.84 -4.19
C ASP A 350 -2.12 -17.25 -3.49
N TRP A 351 -1.95 -16.14 -2.77
CA TRP A 351 -3.05 -15.45 -2.09
C TRP A 351 -4.07 -14.79 -3.04
N ILE A 352 -5.35 -15.05 -2.77
CA ILE A 352 -6.41 -14.29 -3.39
C ILE A 352 -7.37 -13.89 -2.28
N GLY A 353 -8.14 -12.84 -2.51
CA GLY A 353 -9.00 -12.35 -1.48
C GLY A 353 -9.79 -11.13 -1.85
N LYS A 354 -10.58 -10.66 -0.87
CA LYS A 354 -11.45 -9.53 -1.04
C LYS A 354 -11.78 -8.90 0.31
N THR A 355 -11.88 -7.58 0.29
CA THR A 355 -12.15 -6.80 1.51
C THR A 355 -13.58 -6.34 1.49
N GLY A 356 -14.06 -5.94 2.67
CA GLY A 356 -15.41 -5.36 2.76
C GLY A 356 -15.43 -4.30 3.82
N THR A 357 -16.29 -3.30 3.62
CA THR A 357 -16.35 -2.14 4.49
C THR A 357 -17.79 -1.62 4.52
N THR A 358 -18.42 -1.59 5.68
CA THR A 358 -19.78 -1.03 5.72
C THR A 358 -19.78 0.49 5.67
N GLY A 359 -20.97 1.06 5.61
CA GLY A 359 -21.09 2.40 5.06
C GLY A 359 -20.55 3.44 6.01
N GLN A 360 -20.55 3.12 7.30
CA GLN A 360 -20.05 4.05 8.31
C GLN A 360 -18.87 3.39 8.99
N ASP A 361 -18.23 2.47 8.27
CA ASP A 361 -17.00 1.92 8.77
C ASP A 361 -17.31 1.14 10.05
N GLU A 362 -18.51 0.56 10.14
CA GLU A 362 -18.88 -0.25 11.30
C GLU A 362 -18.20 -1.61 11.28
N ASN A 363 -18.05 -2.19 10.09
CA ASN A 363 -17.58 -3.57 9.97
C ASN A 363 -16.58 -3.71 8.85
N MET A 364 -15.46 -4.36 9.14
CA MET A 364 -14.48 -4.59 8.11
C MET A 364 -14.31 -6.09 7.98
N TRP A 365 -14.13 -6.51 6.73
CA TRP A 365 -13.87 -7.90 6.40
C TRP A 365 -12.65 -8.01 5.51
N LEU A 366 -11.92 -9.08 5.70
CA LEU A 366 -10.89 -9.47 4.76
C LEU A 366 -11.00 -10.99 4.68
N MET A 367 -11.29 -11.48 3.48
CA MET A 367 -11.28 -12.90 3.22
C MET A 367 -10.07 -13.29 2.37
N LEU A 368 -9.33 -14.31 2.80
CA LEU A 368 -8.12 -14.76 2.13
C LEU A 368 -8.20 -16.24 1.81
N SER A 369 -7.70 -16.64 0.63
CA SER A 369 -7.51 -18.04 0.26
C SER A 369 -6.12 -18.37 -0.36
N THR A 370 -5.56 -19.52 -0.04
CA THR A 370 -4.70 -20.29 -0.95
C THR A 370 -5.54 -21.45 -1.50
N PRO A 371 -4.93 -22.32 -2.32
CA PRO A 371 -5.72 -23.38 -2.90
C PRO A 371 -6.20 -24.36 -1.84
N ARG A 372 -5.37 -24.54 -0.82
CA ARG A 372 -5.71 -25.46 0.26
C ARG A 372 -6.67 -24.86 1.27
N LEU A 373 -6.44 -23.61 1.75
CA LEU A 373 -7.21 -23.05 2.89
C LEU A 373 -7.92 -21.72 2.56
N THR A 374 -8.99 -21.42 3.29
CA THR A 374 -9.60 -20.06 3.34
C THR A 374 -9.65 -19.58 4.78
N LEU A 375 -9.22 -18.33 4.98
CA LEU A 375 -9.25 -17.67 6.27
C LEU A 375 -10.13 -16.46 6.19
N GLY A 376 -11.30 -16.56 6.81
CA GLY A 376 -12.24 -15.45 6.82
C GLY A 376 -11.95 -14.60 8.05
N GLY A 377 -12.08 -13.28 7.92
CA GLY A 377 -11.83 -12.39 9.06
C GLY A 377 -12.77 -11.21 9.11
N TRP A 378 -13.37 -10.96 10.28
CA TRP A 378 -14.19 -9.77 10.53
C TRP A 378 -13.65 -9.01 11.72
N ILE A 379 -13.85 -7.69 11.68
CA ILE A 379 -13.70 -6.86 12.90
C ILE A 379 -14.80 -5.84 12.98
N GLY A 380 -15.05 -5.38 14.20
CA GLY A 380 -16.04 -4.32 14.47
C GLY A 380 -16.33 -4.20 15.96
N HIS A 381 -17.34 -3.44 16.31
CA HIS A 381 -17.75 -3.33 17.71
C HIS A 381 -19.02 -4.11 17.97
N ASP A 382 -19.15 -4.66 19.18
CA ASP A 382 -20.37 -5.41 19.52
C ASP A 382 -21.63 -4.51 19.42
N ASP A 383 -21.52 -3.22 19.73
CA ASP A 383 -22.68 -2.32 19.64
C ASP A 383 -22.80 -1.62 18.28
N ASN A 384 -22.07 -2.11 17.29
CA ASN A 384 -22.17 -1.61 15.93
C ASN A 384 -21.77 -0.16 15.70
N HIS A 385 -20.94 0.43 16.56
CA HIS A 385 -20.52 1.80 16.28
C HIS A 385 -19.28 1.87 15.39
N SER A 386 -18.96 3.05 14.86
CA SER A 386 -17.95 3.16 13.81
C SER A 386 -16.54 2.78 14.26
N LEU A 387 -15.80 2.09 13.38
CA LEU A 387 -14.33 2.00 13.48
C LEU A 387 -13.64 3.22 12.88
N SER A 388 -12.31 3.28 13.01
CA SER A 388 -11.47 4.27 12.30
C SER A 388 -11.49 4.09 10.77
N GLN A 389 -11.21 5.17 10.03
CA GLN A 389 -11.20 5.15 8.57
C GLN A 389 -10.41 3.95 8.05
N GLN A 390 -9.29 3.65 8.70
CA GLN A 390 -8.31 2.75 8.12
C GLN A 390 -8.21 1.41 8.85
N ALA A 391 -9.23 1.14 9.66
CA ALA A 391 -9.30 -0.09 10.43
C ALA A 391 -9.22 -1.35 9.55
N GLY A 392 -9.93 -1.32 8.43
CA GLY A 392 -9.91 -2.44 7.48
C GLY A 392 -8.67 -2.48 6.58
N TYR A 393 -8.39 -1.35 5.92
CA TYR A 393 -7.26 -1.19 4.98
C TYR A 393 -5.90 -1.52 5.65
N SER A 394 -5.73 -1.05 6.85
CA SER A 394 -4.46 -1.21 7.53
C SER A 394 -4.46 -2.19 8.73
N ASN A 395 -5.22 -1.89 9.78
CA ASN A 395 -5.16 -2.71 11.01
C ASN A 395 -5.51 -4.19 10.85
N ASN A 396 -6.67 -4.47 10.27
CA ASN A 396 -7.15 -5.86 10.11
C ASN A 396 -6.26 -6.62 9.14
N SER A 397 -5.82 -5.89 8.11
CA SER A 397 -4.79 -6.38 7.19
C SER A 397 -3.51 -6.81 7.87
N ASN A 398 -3.03 -5.96 8.79
CA ASN A 398 -1.79 -6.24 9.51
C ASN A 398 -1.99 -7.38 10.53
N TYR A 399 -3.10 -7.34 11.27
CA TYR A 399 -3.47 -8.40 12.20
C TYR A 399 -3.62 -9.77 11.47
N MET A 400 -4.34 -9.76 10.35
CA MET A 400 -4.46 -10.99 9.59
C MET A 400 -3.17 -11.54 9.01
N ALA A 401 -2.25 -10.66 8.59
CA ALA A 401 -0.92 -11.13 8.20
C ALA A 401 -0.25 -11.79 9.38
N HIS A 402 -0.36 -11.21 10.57
CA HIS A 402 0.30 -11.82 11.74
C HIS A 402 -0.32 -13.20 12.04
N LEU A 403 -1.63 -13.32 11.88
CA LEU A 403 -2.36 -14.56 12.13
C LEU A 403 -1.99 -15.66 11.15
N VAL A 404 -1.97 -15.32 9.87
CA VAL A 404 -1.54 -16.22 8.82
C VAL A 404 -0.12 -16.74 9.14
N ASN A 405 0.77 -15.85 9.54
CA ASN A 405 2.12 -16.29 9.93
C ASN A 405 2.17 -17.17 11.17
N ALA A 406 1.30 -16.92 12.15
CA ALA A 406 1.19 -17.85 13.28
C ALA A 406 0.72 -19.27 12.88
N ILE A 407 -0.24 -19.35 11.96
CA ILE A 407 -0.71 -20.63 11.45
C ILE A 407 0.43 -21.40 10.75
N GLN A 408 1.18 -20.69 9.93
CA GLN A 408 2.40 -21.26 9.32
C GLN A 408 3.36 -21.83 10.36
N GLN A 409 3.78 -21.01 11.33
CA GLN A 409 4.82 -21.47 12.28
C GLN A 409 4.34 -22.77 12.90
N ALA A 410 3.07 -22.79 13.30
CA ALA A 410 2.49 -23.91 13.99
C ALA A 410 2.43 -25.14 13.10
N SER A 411 2.19 -24.96 11.81
CA SER A 411 1.94 -26.13 10.94
C SER A 411 2.47 -25.89 9.49
N PRO A 412 3.78 -26.06 9.30
CA PRO A 412 4.49 -25.31 8.29
C PRO A 412 4.14 -25.61 6.81
N SER A 413 3.44 -26.65 6.48
CA SER A 413 3.04 -26.63 5.08
C SER A 413 1.53 -26.57 4.86
N ILE A 414 0.80 -26.12 5.88
CA ILE A 414 -0.64 -26.21 5.85
C ILE A 414 -1.27 -25.33 4.76
N TRP A 415 -0.69 -24.16 4.50
CA TRP A 415 -1.17 -23.23 3.47
C TRP A 415 -0.95 -23.78 2.08
N GLY A 416 0.19 -24.45 1.90
CA GLY A 416 0.61 -24.98 0.58
C GLY A 416 1.24 -23.90 -0.27
N ASN A 417 2.07 -24.32 -1.23
CA ASN A 417 2.57 -23.41 -2.28
C ASN A 417 1.97 -23.66 -3.67
N GLU A 418 0.91 -24.48 -3.74
CA GLU A 418 0.13 -24.65 -4.98
C GLU A 418 -0.35 -23.30 -5.53
N ARG A 419 -0.54 -23.23 -6.84
CA ARG A 419 -1.13 -22.04 -7.46
C ARG A 419 -2.57 -22.30 -7.95
N PHE A 420 -3.44 -21.30 -7.86
CA PHE A 420 -4.68 -21.27 -8.63
C PHE A 420 -4.36 -21.17 -10.14
N ALA A 421 -5.13 -21.83 -10.99
CA ALA A 421 -4.96 -21.73 -12.46
C ALA A 421 -6.29 -21.75 -13.23
N LEU A 422 -6.36 -21.02 -14.34
CA LEU A 422 -7.48 -21.11 -15.27
C LEU A 422 -7.81 -22.56 -15.62
N ASP A 423 -9.07 -22.96 -15.45
CA ASP A 423 -9.51 -24.29 -15.91
C ASP A 423 -9.47 -24.39 -17.44
N PRO A 424 -9.05 -25.53 -17.97
CA PRO A 424 -8.96 -25.72 -19.44
C PRO A 424 -10.23 -25.29 -20.18
N SER A 425 -11.39 -25.41 -19.54
CA SER A 425 -12.65 -25.07 -20.20
C SER A 425 -12.89 -23.53 -20.29
N VAL A 426 -12.01 -22.74 -19.68
CA VAL A 426 -12.11 -21.29 -19.81
C VAL A 426 -11.95 -20.90 -21.28
N VAL A 427 -12.77 -19.97 -21.75
CA VAL A 427 -12.66 -19.50 -23.15
C VAL A 427 -12.00 -18.15 -23.25
N LYS A 428 -11.03 -18.02 -24.16
CA LYS A 428 -10.33 -16.75 -24.30
C LYS A 428 -10.85 -15.95 -25.47
N SER A 429 -10.92 -14.63 -25.30
CA SER A 429 -11.30 -13.76 -26.40
C SER A 429 -10.35 -12.59 -26.52
N GLU A 430 -10.00 -12.23 -27.73
CA GLU A 430 -9.33 -10.96 -27.94
C GLU A 430 -10.36 -9.85 -28.05
N VAL A 431 -10.41 -8.98 -27.05
CA VAL A 431 -11.33 -7.86 -27.05
C VAL A 431 -10.56 -6.56 -27.04
N LEU A 432 -11.17 -5.50 -27.54
CA LEU A 432 -10.62 -4.16 -27.38
C LEU A 432 -10.52 -3.85 -25.89
N LYS A 433 -9.38 -3.32 -25.46
CA LYS A 433 -9.28 -2.77 -24.10
C LYS A 433 -10.43 -1.82 -23.80
N SER A 434 -10.84 -1.03 -24.79
CA SER A 434 -11.79 0.05 -24.56
C SER A 434 -13.22 -0.41 -24.32
N THR A 435 -13.64 -1.49 -24.98
CA THR A 435 -15.02 -1.95 -24.85
C THR A 435 -15.17 -3.28 -24.12
N GLY A 436 -14.06 -3.97 -23.93
CA GLY A 436 -14.11 -5.36 -23.43
C GLY A 436 -14.82 -6.32 -24.37
N GLN A 437 -15.06 -5.90 -25.61
CA GLN A 437 -15.69 -6.75 -26.64
C GLN A 437 -14.89 -6.83 -27.93
N LYS A 438 -15.23 -7.80 -28.78
CA LYS A 438 -14.47 -8.04 -30.00
C LYS A 438 -14.53 -6.79 -30.88
N PRO A 439 -13.42 -6.47 -31.51
CA PRO A 439 -13.33 -5.30 -32.41
C PRO A 439 -14.30 -5.42 -33.60
N GLY A 440 -14.71 -4.28 -34.16
CA GLY A 440 -15.45 -4.25 -35.41
C GLY A 440 -16.26 -2.98 -35.58
N LYS A 441 -17.32 -3.08 -36.38
CA LYS A 441 -18.12 -1.94 -36.83
C LYS A 441 -19.23 -1.63 -35.84
N VAL A 442 -19.27 -0.41 -35.32
CA VAL A 442 -20.44 0.03 -34.58
C VAL A 442 -21.03 1.30 -35.17
N SER A 443 -22.35 1.39 -35.14
CA SER A 443 -23.04 2.62 -35.51
C SER A 443 -23.05 3.61 -34.33
N VAL A 444 -22.38 4.74 -34.50
CA VAL A 444 -22.35 5.78 -33.47
C VAL A 444 -23.05 7.07 -33.92
N GLU A 445 -24.28 7.24 -33.45
CA GLU A 445 -25.21 8.24 -33.97
C GLU A 445 -25.17 8.30 -35.49
N GLY A 446 -25.58 7.21 -36.12
CA GLY A 446 -25.76 7.19 -37.56
C GLY A 446 -24.48 6.95 -38.34
N LYS A 447 -23.41 7.71 -37.99
CA LYS A 447 -22.11 7.39 -38.54
C LYS A 447 -21.61 6.05 -38.00
N GLU A 448 -21.60 5.05 -38.86
CA GLU A 448 -21.06 3.76 -38.50
C GLU A 448 -19.53 3.78 -38.52
N VAL A 449 -18.91 3.26 -37.48
CA VAL A 449 -17.46 3.42 -37.30
C VAL A 449 -16.71 2.11 -37.07
N GLU A 450 -15.41 2.15 -37.33
CA GLU A 450 -14.57 0.97 -37.37
C GLU A 450 -13.77 0.86 -36.08
N VAL A 451 -14.36 0.28 -35.05
CA VAL A 451 -13.72 0.28 -33.73
C VAL A 451 -12.45 -0.57 -33.67
N THR A 452 -11.31 0.08 -33.51
CA THR A 452 -10.02 -0.58 -33.64
C THR A 452 -9.24 -0.17 -32.40
N GLY A 453 -8.05 -0.74 -32.19
CA GLY A 453 -7.19 -0.28 -31.08
C GLY A 453 -6.56 -1.37 -30.23
N SER A 454 -6.07 -0.98 -29.05
CA SER A 454 -5.47 -1.94 -28.12
C SER A 454 -6.47 -3.02 -27.77
N THR A 455 -6.00 -4.26 -27.77
CA THR A 455 -6.80 -5.41 -27.38
C THR A 455 -6.20 -6.15 -26.18
N VAL A 456 -7.00 -7.00 -25.57
CA VAL A 456 -6.57 -7.80 -24.43
C VAL A 456 -7.19 -9.17 -24.52
N THR A 457 -6.61 -10.12 -23.80
CA THR A 457 -7.25 -11.39 -23.65
C THR A 457 -8.30 -11.31 -22.55
N SER A 458 -9.57 -11.49 -22.93
CA SER A 458 -10.65 -11.62 -21.94
C SER A 458 -11.06 -13.08 -21.75
N TYR A 459 -11.21 -13.48 -20.49
CA TYR A 459 -11.55 -14.85 -20.12
C TYR A 459 -13.04 -14.95 -19.87
N TRP A 460 -13.71 -15.85 -20.60
CA TRP A 460 -15.13 -16.11 -20.42
C TRP A 460 -15.45 -17.54 -19.99
N ALA A 461 -16.64 -17.73 -19.40
CA ALA A 461 -17.11 -19.05 -18.93
C ALA A 461 -18.36 -19.48 -19.68
N ASN A 462 -18.47 -19.09 -20.95
CA ASN A 462 -19.56 -19.53 -21.77
C ASN A 462 -18.97 -20.42 -22.89
N LYS A 463 -19.64 -20.47 -24.04
CA LYS A 463 -19.14 -21.26 -25.20
C LYS A 463 -18.39 -20.40 -26.19
N SER A 464 -19.05 -19.32 -26.63
CA SER A 464 -18.56 -18.48 -27.72
C SER A 464 -17.53 -17.40 -27.33
N GLY A 465 -17.23 -17.25 -26.04
CA GLY A 465 -16.38 -16.13 -25.58
C GLY A 465 -17.17 -14.84 -25.63
N ALA A 466 -16.51 -13.74 -26.01
CA ALA A 466 -17.08 -12.39 -25.92
C ALA A 466 -17.77 -12.04 -27.22
N PRO A 467 -18.79 -11.18 -27.18
CA PRO A 467 -19.45 -10.76 -28.43
C PRO A 467 -18.64 -9.75 -29.21
N ALA A 468 -19.08 -9.42 -30.42
CA ALA A 468 -18.59 -8.23 -31.11
C ALA A 468 -19.02 -6.99 -30.34
N THR A 469 -18.27 -5.90 -30.53
CA THR A 469 -18.49 -4.68 -29.78
C THR A 469 -19.80 -4.10 -30.30
N SER A 470 -20.72 -3.76 -29.40
CA SER A 470 -21.87 -3.00 -29.85
C SER A 470 -21.96 -1.73 -29.03
N TYR A 471 -22.91 -0.86 -29.39
CA TYR A 471 -22.97 0.48 -28.85
C TYR A 471 -23.12 0.41 -27.33
N ARG A 472 -24.07 -0.39 -26.86
CA ARG A 472 -24.19 -0.59 -25.41
C ARG A 472 -23.21 -1.69 -24.98
N PHE A 473 -21.93 -1.34 -24.88
CA PHE A 473 -20.88 -2.33 -24.72
C PHE A 473 -20.62 -2.72 -23.27
N ALA A 474 -21.08 -1.91 -22.31
CA ALA A 474 -20.68 -2.07 -20.94
C ALA A 474 -21.85 -2.59 -20.10
N ILE A 475 -21.59 -3.03 -18.89
CA ILE A 475 -22.65 -3.30 -17.94
C ILE A 475 -23.08 -1.97 -17.34
N GLY A 476 -24.31 -1.57 -17.67
CA GLY A 476 -24.87 -0.32 -17.15
C GLY A 476 -24.59 0.88 -18.04
N GLY A 477 -25.03 2.05 -17.59
CA GLY A 477 -24.80 3.30 -18.34
C GLY A 477 -26.06 3.85 -18.95
N SER A 478 -26.28 5.15 -18.78
CA SER A 478 -27.33 5.85 -19.49
C SER A 478 -26.97 6.12 -20.95
N ASP A 479 -27.84 6.87 -21.64
CA ASP A 479 -27.47 7.38 -22.94
C ASP A 479 -26.42 8.49 -22.85
N ALA A 480 -26.59 9.39 -21.88
CA ALA A 480 -25.64 10.47 -21.70
C ALA A 480 -24.25 9.91 -21.46
N ASP A 481 -24.16 8.84 -20.66
CA ASP A 481 -22.86 8.22 -20.38
C ASP A 481 -22.25 7.61 -21.65
N TYR A 482 -23.08 6.91 -22.42
CA TYR A 482 -22.61 6.27 -23.65
C TYR A 482 -22.15 7.27 -24.70
N GLN A 483 -22.92 8.35 -24.86
CA GLN A 483 -22.51 9.51 -25.67
C GLN A 483 -21.10 9.85 -25.24
N ASN A 484 -20.98 10.20 -23.98
CA ASN A 484 -19.72 10.64 -23.44
C ASN A 484 -18.58 9.63 -23.66
N ALA A 485 -18.87 8.35 -23.45
CA ALA A 485 -17.81 7.34 -23.46
C ALA A 485 -17.35 7.12 -24.89
N TRP A 486 -18.31 7.11 -25.78
CA TRP A 486 -18.05 6.85 -27.19
C TRP A 486 -17.25 7.98 -27.82
N SER A 487 -17.57 9.21 -27.43
CA SER A 487 -16.74 10.36 -27.67
C SER A 487 -15.25 10.06 -27.44
N SER A 488 -14.88 9.57 -26.26
CA SER A 488 -13.46 9.27 -26.00
C SER A 488 -12.89 8.18 -26.89
N ILE A 489 -13.62 7.09 -27.04
CA ILE A 489 -13.17 6.01 -27.89
C ILE A 489 -12.99 6.55 -29.30
N VAL A 490 -13.90 7.42 -29.72
CA VAL A 490 -13.86 8.10 -31.02
C VAL A 490 -12.55 8.88 -31.34
N GLY A 491 -11.98 9.58 -30.34
CA GLY A 491 -10.52 9.84 -30.30
C GLY A 491 -9.71 8.57 -30.56
N SER A 492 -9.67 8.14 -31.82
CA SER A 492 -9.39 6.75 -32.22
C SER A 492 -7.92 6.39 -32.07
N SER B 6 48.55 7.55 14.71
CA SER B 6 47.25 8.17 14.24
C SER B 6 46.07 7.20 14.34
N GLU B 7 44.94 7.71 14.87
CA GLU B 7 43.72 6.91 15.07
C GLU B 7 42.48 7.62 14.51
N ILE B 8 41.56 6.83 13.96
CA ILE B 8 40.21 7.26 13.63
C ILE B 8 39.23 6.63 14.65
N THR B 9 38.37 7.45 15.26
CA THR B 9 37.44 6.91 16.26
C THR B 9 35.97 7.13 15.88
N TYR B 10 35.08 6.40 16.56
CA TYR B 10 33.65 6.73 16.61
C TYR B 10 33.39 7.98 17.48
N SER B 11 32.18 8.52 17.36
CA SER B 11 31.85 9.80 18.00
C SER B 11 32.12 9.77 19.49
N ASP B 12 32.09 8.58 20.07
CA ASP B 12 32.28 8.42 21.53
C ASP B 12 33.74 8.18 21.90
N GLY B 13 34.62 8.12 20.89
CA GLY B 13 36.06 8.01 21.15
C GLY B 13 36.58 6.58 21.01
N THR B 14 35.70 5.60 20.81
CA THR B 14 36.19 4.24 20.56
C THR B 14 36.90 4.16 19.22
N VAL B 15 38.06 3.48 19.21
CA VAL B 15 38.90 3.40 18.03
C VAL B 15 38.28 2.49 16.96
N ILE B 16 37.99 3.08 15.81
CA ILE B 16 37.69 2.34 14.59
C ILE B 16 38.94 1.64 14.04
N ALA B 17 40.04 2.40 13.93
CA ALA B 17 41.30 1.84 13.41
C ALA B 17 42.48 2.76 13.71
N SER B 18 43.67 2.18 13.65
CA SER B 18 44.91 2.93 13.54
C SER B 18 45.33 3.05 12.07
N ILE B 19 45.95 4.17 11.73
CA ILE B 19 46.38 4.45 10.36
C ILE B 19 47.89 4.17 10.20
N GLU B 20 48.24 3.28 9.29
CA GLU B 20 49.63 2.97 9.06
C GLU B 20 49.85 3.22 7.58
N SER B 21 51.09 3.45 7.16
CA SER B 21 51.43 3.41 5.72
C SER B 21 50.98 2.11 5.05
N ASP B 22 50.52 2.18 3.79
CA ASP B 22 50.33 0.96 2.97
C ASP B 22 51.65 0.24 2.80
N LEU B 23 51.61 -1.10 2.70
CA LEU B 23 52.68 -1.87 2.03
C LEU B 23 52.59 -1.51 0.55
N LEU B 24 53.61 -1.83 -0.22
CA LEU B 24 53.63 -1.49 -1.64
C LEU B 24 52.76 -2.46 -2.44
N ASP B 40 36.45 -1.37 6.79
CA ASP B 40 35.79 -1.67 5.54
C ASP B 40 35.62 -0.37 4.76
N TYR B 41 34.40 -0.26 4.21
CA TYR B 41 33.74 1.00 3.84
C TYR B 41 34.02 2.07 4.91
N LEU B 42 33.84 1.71 6.19
CA LEU B 42 33.99 2.66 7.32
C LEU B 42 35.42 3.26 7.40
N TYR B 43 36.42 2.39 7.36
CA TYR B 43 37.80 2.83 7.30
C TYR B 43 38.10 3.85 6.17
N PHE B 44 37.80 3.47 4.92
CA PHE B 44 38.22 4.24 3.78
C PHE B 44 37.43 5.54 3.65
N THR B 45 36.15 5.53 4.03
CA THR B 45 35.31 6.74 3.92
C THR B 45 35.81 7.82 4.91
N THR B 46 35.97 7.43 6.17
CA THR B 46 36.45 8.33 7.22
C THR B 46 37.90 8.80 6.94
N LEU B 47 38.77 7.87 6.54
CA LEU B 47 40.14 8.19 6.15
C LEU B 47 40.10 9.17 4.99
N ALA B 48 39.26 8.88 4.00
CA ALA B 48 39.31 9.72 2.82
C ALA B 48 38.84 11.11 3.17
N GLU B 49 37.88 11.21 4.10
CA GLU B 49 37.41 12.56 4.47
C GLU B 49 38.32 13.33 5.43
N ALA B 50 38.94 12.61 6.38
CA ALA B 50 40.00 13.16 7.23
C ALA B 50 41.13 13.79 6.39
N GLN B 51 41.53 13.06 5.35
CA GLN B 51 42.56 13.50 4.41
C GLN B 51 42.14 14.76 3.67
N GLU B 52 40.86 14.82 3.32
CA GLU B 52 40.39 16.01 2.65
C GLU B 52 40.49 17.23 3.59
N ARG B 53 40.13 17.05 4.86
CA ARG B 53 40.27 18.09 5.90
C ARG B 53 41.73 18.47 6.20
N MET B 54 42.64 17.49 6.13
CA MET B 54 44.06 17.80 6.33
C MET B 54 44.62 18.55 5.11
N TYR B 55 44.20 18.12 3.93
CA TYR B 55 44.49 18.86 2.72
C TYR B 55 44.15 20.36 2.91
N ASP B 56 42.90 20.65 3.31
CA ASP B 56 42.46 22.05 3.46
C ASP B 56 43.39 22.80 4.40
N TYR B 57 43.71 22.15 5.53
CA TYR B 57 44.49 22.77 6.61
C TYR B 57 45.96 23.02 6.25
N LEU B 58 46.56 22.10 5.49
CA LEU B 58 47.91 22.28 4.99
C LEU B 58 48.01 23.39 3.92
N ALA B 59 47.07 23.42 2.99
CA ALA B 59 47.05 24.50 2.00
C ALA B 59 46.92 25.82 2.76
N GLN B 60 45.99 25.87 3.70
CA GLN B 60 45.82 26.98 4.62
C GLN B 60 47.14 27.40 5.28
N ARG B 61 47.74 26.50 6.03
CA ARG B 61 48.91 26.81 6.82
C ARG B 61 50.02 27.35 5.93
N ASP B 62 50.06 26.89 4.68
CA ASP B 62 51.06 27.35 3.72
C ASP B 62 50.62 28.53 2.85
N ASN B 63 49.41 29.04 3.07
CA ASN B 63 48.94 30.24 2.37
C ASN B 63 48.79 30.07 0.87
N VAL B 64 48.69 28.82 0.40
CA VAL B 64 48.39 28.56 -1.01
C VAL B 64 47.03 29.17 -1.36
N SER B 65 46.98 30.03 -2.38
CA SER B 65 45.70 30.62 -2.84
C SER B 65 44.85 29.59 -3.59
N ALA B 66 43.52 29.72 -3.49
CA ALA B 66 42.60 28.80 -4.17
C ALA B 66 42.67 28.94 -5.70
N LYS B 67 43.44 29.93 -6.16
CA LYS B 67 43.80 30.00 -7.58
C LYS B 67 45.10 29.25 -7.85
N GLU B 68 46.15 29.58 -7.08
CA GLU B 68 47.32 28.68 -6.91
C GLU B 68 46.89 27.22 -6.72
N LEU B 69 45.76 27.02 -6.07
CA LEU B 69 45.28 25.69 -5.72
C LEU B 69 44.49 25.09 -6.88
N LYS B 70 44.30 25.85 -7.95
CA LYS B 70 43.72 25.26 -9.15
C LYS B 70 44.81 24.62 -10.00
N ASN B 71 46.06 24.96 -9.70
CA ASN B 71 47.25 24.30 -10.26
C ASN B 71 47.29 22.81 -9.93
N GLU B 72 47.46 21.99 -10.97
CA GLU B 72 47.04 20.60 -10.92
C GLU B 72 48.10 19.70 -10.28
N ALA B 73 49.36 19.94 -10.58
CA ALA B 73 50.45 19.32 -9.85
C ALA B 73 50.42 19.78 -8.39
N THR B 74 49.78 20.92 -8.15
CA THR B 74 49.58 21.37 -6.77
C THR B 74 48.50 20.62 -5.96
N GLN B 75 47.43 20.16 -6.62
CA GLN B 75 46.47 19.22 -6.02
C GLN B 75 47.25 18.01 -5.50
N LYS B 76 48.05 17.43 -6.41
CA LYS B 76 48.77 16.20 -6.17
C LYS B 76 49.68 16.34 -4.94
N PHE B 77 50.50 17.39 -4.92
CA PHE B 77 51.49 17.59 -3.85
C PHE B 77 50.76 17.76 -2.53
N TYR B 78 49.73 18.59 -2.49
CA TYR B 78 49.01 18.80 -1.23
C TYR B 78 48.12 17.63 -0.81
N ARG B 79 47.59 16.86 -1.76
CA ARG B 79 46.92 15.61 -1.39
C ARG B 79 47.86 14.52 -0.84
N ASP B 80 49.00 14.31 -1.48
CA ASP B 80 50.01 13.39 -0.96
C ASP B 80 50.52 13.82 0.42
N LEU B 81 50.78 15.11 0.61
CA LEU B 81 51.23 15.61 1.91
C LEU B 81 50.20 15.37 3.02
N ALA B 82 48.91 15.51 2.69
CA ALA B 82 47.84 15.24 3.65
C ALA B 82 47.76 13.75 4.01
N ALA B 83 47.83 12.86 3.03
CA ALA B 83 47.98 11.42 3.31
C ALA B 83 49.18 11.13 4.24
N LYS B 84 50.32 11.72 3.93
CA LYS B 84 51.58 11.42 4.66
C LYS B 84 51.48 11.91 6.09
N GLU B 85 50.99 13.13 6.24
CA GLU B 85 50.80 13.75 7.54
C GLU B 85 50.00 12.85 8.50
N ILE B 86 48.90 12.30 8.01
CA ILE B 86 48.14 11.38 8.83
C ILE B 86 48.89 10.07 9.10
N GLU B 87 49.45 9.48 8.05
CA GLU B 87 50.20 8.23 8.19
C GLU B 87 51.30 8.40 9.23
N ASN B 88 52.13 9.42 9.06
CA ASN B 88 53.32 9.58 9.90
C ASN B 88 52.96 10.06 11.28
N GLY B 89 51.97 10.95 11.33
CA GLY B 89 51.80 11.89 12.43
C GLY B 89 51.09 11.19 13.56
N GLY B 90 50.85 11.92 14.63
CA GLY B 90 50.11 11.40 15.78
C GLY B 90 48.81 12.17 15.89
N TYR B 91 47.86 11.84 15.01
CA TYR B 91 46.60 12.58 14.92
C TYR B 91 45.44 11.77 15.43
N LYS B 92 44.58 12.42 16.23
CA LYS B 92 43.34 11.82 16.65
C LYS B 92 42.21 12.37 15.78
N ILE B 93 41.57 11.47 15.03
CA ILE B 93 40.48 11.83 14.12
C ILE B 93 39.14 11.40 14.73
N THR B 94 38.36 12.36 15.20
CA THR B 94 37.03 12.07 15.70
C THR B 94 35.97 12.11 14.60
N THR B 95 35.34 10.97 14.31
CA THR B 95 34.23 10.95 13.35
C THR B 95 32.87 11.14 14.02
N THR B 96 31.84 11.29 13.20
CA THR B 96 30.51 11.46 13.69
C THR B 96 29.81 10.12 13.75
N ILE B 97 30.52 9.04 13.42
CA ILE B 97 29.90 7.71 13.28
C ILE B 97 29.51 7.08 14.63
N ASP B 98 28.23 6.69 14.75
CA ASP B 98 27.72 6.13 16.02
C ASP B 98 27.90 4.64 15.97
N GLN B 99 28.71 4.13 16.89
CA GLN B 99 29.14 2.76 16.70
C GLN B 99 28.04 1.69 16.70
N LYS B 100 27.10 1.73 17.66
CA LYS B 100 26.00 0.76 17.73
C LYS B 100 25.08 0.83 16.52
N ILE B 101 24.75 2.04 16.14
CA ILE B 101 23.87 2.30 15.01
C ILE B 101 24.48 1.83 13.69
N HIS B 102 25.73 2.22 13.46
CA HIS B 102 26.40 1.90 12.20
C HIS B 102 26.53 0.39 12.14
N SER B 103 26.89 -0.17 13.29
CA SER B 103 26.98 -1.60 13.41
C SER B 103 25.66 -2.30 13.16
N ALA B 104 24.57 -1.76 13.71
CA ALA B 104 23.23 -2.28 13.41
C ALA B 104 22.87 -2.16 11.94
N MET B 105 23.31 -1.08 11.31
CA MET B 105 23.12 -0.94 9.86
C MET B 105 23.87 -1.99 9.03
N GLN B 106 25.06 -2.40 9.50
CA GLN B 106 25.84 -3.40 8.77
C GLN B 106 25.16 -4.77 8.92
N SER B 107 24.65 -5.07 10.10
CA SER B 107 23.88 -6.31 10.33
C SER B 107 22.60 -6.35 9.51
N ALA B 108 21.92 -5.22 9.40
CA ALA B 108 20.66 -5.17 8.71
C ALA B 108 20.88 -5.50 7.23
N VAL B 109 21.92 -4.90 6.62
CA VAL B 109 22.19 -5.20 5.19
C VAL B 109 22.69 -6.66 4.97
N ALA B 110 23.47 -7.17 5.94
CA ALA B 110 23.84 -8.55 5.87
C ALA B 110 22.63 -9.49 6.04
N ASP B 111 21.71 -9.15 6.92
CA ASP B 111 20.58 -10.07 7.17
C ASP B 111 19.43 -9.89 6.19
N TYR B 112 19.24 -8.69 5.67
CA TYR B 112 18.03 -8.39 4.89
C TYR B 112 18.28 -7.92 3.50
N GLY B 113 19.55 -7.71 3.19
CA GLY B 113 19.95 -7.34 1.82
C GLY B 113 19.32 -8.20 0.75
N TYR B 114 19.14 -9.48 1.05
CA TYR B 114 18.59 -10.44 0.09
C TYR B 114 17.20 -10.06 -0.40
N LEU B 115 16.50 -9.28 0.41
CA LEU B 115 15.14 -8.83 0.03
C LEU B 115 15.15 -7.93 -1.18
N LEU B 116 16.33 -7.43 -1.52
CA LEU B 116 16.48 -6.56 -2.67
C LEU B 116 16.64 -7.37 -3.94
N ASP B 117 17.08 -8.64 -3.85
CA ASP B 117 17.35 -9.38 -5.11
C ASP B 117 16.02 -9.79 -5.74
N ASP B 118 15.77 -9.34 -6.95
CA ASP B 118 14.40 -9.40 -7.49
C ASP B 118 14.43 -10.24 -8.75
N GLY B 119 15.59 -10.82 -9.07
CA GLY B 119 15.70 -11.62 -10.29
C GLY B 119 16.51 -10.96 -11.37
N THR B 120 16.94 -9.72 -11.17
CA THR B 120 17.75 -9.03 -12.19
C THR B 120 19.24 -9.04 -11.83
N GLY B 121 19.58 -9.82 -10.82
CA GLY B 121 21.00 -9.94 -10.44
C GLY B 121 21.25 -9.56 -8.98
N ARG B 122 22.48 -9.17 -8.67
CA ARG B 122 22.83 -8.74 -7.32
C ARG B 122 22.55 -7.25 -7.25
N VAL B 123 21.51 -6.91 -6.51
CA VAL B 123 21.09 -5.53 -6.42
C VAL B 123 21.92 -4.83 -5.37
N GLU B 124 22.63 -3.79 -5.81
CA GLU B 124 23.45 -2.98 -4.92
C GLU B 124 22.66 -1.91 -4.21
N VAL B 125 23.24 -1.35 -3.15
CA VAL B 125 22.51 -0.55 -2.19
C VAL B 125 23.40 0.53 -1.53
N GLY B 126 22.83 1.70 -1.29
CA GLY B 126 23.50 2.78 -0.56
C GLY B 126 22.54 3.49 0.40
N ASN B 127 22.99 3.69 1.65
CA ASN B 127 22.16 4.33 2.67
C ASN B 127 22.97 5.27 3.49
N VAL B 128 22.38 6.39 3.87
CA VAL B 128 23.08 7.38 4.72
C VAL B 128 22.10 7.91 5.79
N LEU B 129 22.42 7.64 7.07
CA LEU B 129 21.63 8.17 8.20
C LEU B 129 22.26 9.47 8.69
N MET B 130 21.46 10.53 8.71
CA MET B 130 21.96 11.86 9.03
C MET B 130 21.13 12.50 10.14
N ASP B 131 21.82 13.20 11.03
CA ASP B 131 21.18 14.01 12.05
C ASP B 131 20.67 15.31 11.42
N ASN B 132 19.35 15.52 11.44
CA ASN B 132 18.77 16.73 10.78
C ASN B 132 19.22 18.10 11.38
N GLN B 133 19.61 18.05 12.65
CA GLN B 133 20.01 19.32 13.30
C GLN B 133 21.47 19.75 13.07
N THR B 134 22.34 18.83 12.64
CA THR B 134 23.80 19.11 12.57
C THR B 134 24.41 18.71 11.24
N GLY B 135 23.73 17.84 10.48
CA GLY B 135 24.31 17.28 9.26
C GLY B 135 25.36 16.19 9.48
N ALA B 136 25.68 15.90 10.73
CA ALA B 136 26.45 14.68 11.10
C ALA B 136 25.86 13.35 10.54
N ILE B 137 26.72 12.50 9.99
CA ILE B 137 26.34 11.19 9.44
C ILE B 137 26.57 10.14 10.53
N LEU B 138 25.48 9.60 11.07
CA LEU B 138 25.60 8.69 12.20
C LEU B 138 25.99 7.30 11.77
N GLY B 139 25.70 6.98 10.51
CA GLY B 139 25.89 5.61 10.01
C GLY B 139 25.56 5.53 8.55
N PHE B 140 26.03 4.49 7.87
CA PHE B 140 25.73 4.31 6.44
C PHE B 140 25.86 2.87 5.99
N VAL B 141 25.37 2.61 4.78
CA VAL B 141 25.55 1.31 4.15
C VAL B 141 26.22 1.54 2.80
N GLY B 142 27.47 1.08 2.67
CA GLY B 142 28.29 1.29 1.50
C GLY B 142 27.90 0.39 0.34
N GLY B 143 27.25 -0.73 0.67
CA GLY B 143 26.83 -1.72 -0.31
C GLY B 143 26.55 -3.08 0.29
N ARG B 144 26.23 -4.05 -0.58
CA ARG B 144 25.81 -5.38 -0.15
C ARG B 144 26.85 -6.16 0.66
N ASN B 145 28.14 -5.98 0.36
CA ASN B 145 29.19 -6.79 1.00
C ASN B 145 30.55 -6.33 0.48
N TYR B 146 31.22 -5.50 1.28
CA TYR B 146 32.52 -4.95 0.90
C TYR B 146 33.48 -6.01 0.29
N GLN B 147 33.59 -7.16 0.93
CA GLN B 147 34.45 -8.21 0.40
C GLN B 147 34.08 -8.73 -1.00
N GLU B 148 32.81 -8.67 -1.42
CA GLU B 148 32.50 -9.03 -2.80
C GLU B 148 32.60 -7.87 -3.79
N ASN B 149 32.21 -6.67 -3.37
CA ASN B 149 32.19 -5.49 -4.21
C ASN B 149 32.52 -4.27 -3.34
N GLN B 150 33.63 -3.59 -3.67
CA GLN B 150 34.19 -2.50 -2.83
C GLN B 150 33.67 -1.11 -3.19
N ASN B 151 32.93 -0.99 -4.30
CA ASN B 151 32.33 0.30 -4.64
C ASN B 151 31.46 0.82 -3.52
N ASN B 152 31.73 2.05 -3.12
CA ASN B 152 31.00 2.71 -2.05
C ASN B 152 29.74 3.42 -2.56
N HIS B 153 28.59 2.75 -2.44
CA HIS B 153 27.33 3.27 -3.00
C HIS B 153 26.67 4.36 -2.16
N ALA B 154 27.25 4.67 -0.99
CA ALA B 154 26.75 5.77 -0.16
C ALA B 154 27.45 7.08 -0.45
N PHE B 155 28.76 7.02 -0.71
CA PHE B 155 29.58 8.23 -0.85
C PHE B 155 30.16 8.48 -2.25
N ASP B 156 30.29 7.43 -3.09
CA ASP B 156 30.97 7.55 -4.40
C ASP B 156 30.03 7.51 -5.59
N THR B 157 29.25 6.44 -5.72
CA THR B 157 28.25 6.29 -6.76
C THR B 157 27.41 7.56 -6.99
N LYS B 158 27.26 7.99 -8.25
CA LYS B 158 26.28 9.05 -8.60
C LYS B 158 25.25 8.56 -9.62
N ARG B 159 23.98 8.69 -9.28
CA ARG B 159 22.88 8.31 -10.17
C ARG B 159 21.86 9.43 -10.15
N SER B 160 20.99 9.47 -11.16
CA SER B 160 19.85 10.40 -11.13
C SER B 160 18.94 10.13 -9.94
N PRO B 161 18.66 11.16 -9.14
CA PRO B 161 17.70 11.06 -8.05
C PRO B 161 16.26 11.05 -8.55
N ALA B 162 16.07 11.06 -9.86
CA ALA B 162 14.73 10.90 -10.45
C ALA B 162 13.69 11.81 -9.77
N SER B 163 12.49 11.29 -9.50
CA SER B 163 11.44 12.11 -8.88
C SER B 163 11.69 12.63 -7.49
N THR B 164 12.71 12.12 -6.80
CA THR B 164 13.01 12.69 -5.51
C THR B 164 13.55 14.09 -5.66
N THR B 165 13.88 14.46 -6.89
CA THR B 165 14.19 15.86 -7.26
C THR B 165 12.97 16.79 -7.06
N LYS B 166 11.77 16.28 -7.36
CA LYS B 166 10.62 17.18 -7.49
C LYS B 166 10.36 18.11 -6.26
N PRO B 167 10.37 17.58 -5.02
CA PRO B 167 10.14 18.45 -3.86
C PRO B 167 11.21 19.54 -3.73
N LEU B 168 12.45 19.25 -4.10
CA LEU B 168 13.54 20.22 -3.91
C LEU B 168 13.58 21.26 -5.01
N LEU B 169 13.58 20.81 -6.26
CA LEU B 169 13.91 21.73 -7.33
C LEU B 169 12.65 22.41 -7.91
N ALA B 170 11.51 21.74 -7.79
CA ALA B 170 10.30 22.26 -8.42
C ALA B 170 9.31 22.79 -7.40
N TYR B 171 8.66 21.90 -6.64
CA TYR B 171 7.57 22.30 -5.75
C TYR B 171 8.00 23.14 -4.55
N GLY B 172 9.05 22.73 -3.87
CA GLY B 172 9.52 23.57 -2.76
C GLY B 172 9.96 24.98 -3.14
N ILE B 173 10.58 25.15 -4.30
CA ILE B 173 10.94 26.51 -4.72
C ILE B 173 9.65 27.32 -5.06
N ALA B 174 8.76 26.72 -5.84
CA ALA B 174 7.55 27.43 -6.25
C ALA B 174 6.77 27.92 -5.01
N ILE B 175 6.63 27.08 -3.98
CA ILE B 175 5.94 27.48 -2.75
C ILE B 175 6.68 28.65 -2.07
N ASP B 176 8.00 28.50 -1.98
CA ASP B 176 8.90 29.48 -1.36
C ASP B 176 8.83 30.84 -2.02
N GLN B 177 8.70 30.83 -3.34
CA GLN B 177 8.67 32.05 -4.12
C GLN B 177 7.28 32.67 -4.11
N GLY B 178 6.33 32.04 -3.41
CA GLY B 178 4.94 32.49 -3.43
C GLY B 178 4.18 32.15 -4.70
N LEU B 179 4.59 31.12 -5.45
CA LEU B 179 3.92 30.89 -6.75
C LEU B 179 2.96 29.73 -6.66
N MET B 180 2.79 29.19 -5.46
CA MET B 180 1.94 28.02 -5.32
C MET B 180 1.79 27.69 -3.84
N GLY B 181 0.72 26.99 -3.50
CA GLY B 181 0.35 26.64 -2.13
C GLY B 181 -0.09 25.19 -2.08
N SER B 182 -0.36 24.69 -0.88
CA SER B 182 -0.48 23.25 -0.67
C SER B 182 -1.54 22.62 -1.57
N GLU B 183 -2.60 23.37 -1.84
CA GLU B 183 -3.70 22.83 -2.63
C GLU B 183 -3.83 23.55 -3.98
N THR B 184 -2.73 24.11 -4.48
CA THR B 184 -2.69 24.55 -5.87
C THR B 184 -2.95 23.40 -6.86
N ILE B 185 -3.64 23.77 -7.95
CA ILE B 185 -3.93 22.83 -9.03
C ILE B 185 -2.85 22.97 -10.07
N LEU B 186 -2.39 21.83 -10.61
CA LEU B 186 -1.42 21.80 -11.70
C LEU B 186 -2.01 20.94 -12.82
N SER B 187 -1.62 21.24 -14.06
CA SER B 187 -2.01 20.40 -15.21
C SER B 187 -1.28 19.06 -15.27
N ASN B 188 -2.00 17.95 -15.42
CA ASN B 188 -1.38 16.71 -15.88
C ASN B 188 -1.95 16.31 -17.22
N TYR B 189 -2.41 17.29 -18.00
CA TYR B 189 -2.97 16.97 -19.31
C TYR B 189 -1.79 16.65 -20.17
N PRO B 190 -1.99 15.73 -21.12
CA PRO B 190 -0.96 15.36 -22.10
C PRO B 190 -0.20 16.57 -22.66
N THR B 191 1.13 16.53 -22.66
CA THR B 191 1.86 17.63 -23.28
C THR B 191 3.17 17.10 -23.81
N ASN B 192 3.75 17.84 -24.77
CA ASN B 192 5.00 17.38 -25.39
C ASN B 192 6.22 18.13 -24.96
N PHE B 193 7.37 17.46 -25.01
CA PHE B 193 8.64 18.16 -24.92
C PHE B 193 8.81 19.04 -26.15
N ALA B 194 9.83 19.89 -26.17
CA ALA B 194 9.98 20.87 -27.28
C ALA B 194 10.24 20.11 -28.59
N ASN B 195 10.86 18.93 -28.47
CA ASN B 195 11.11 18.07 -29.61
C ASN B 195 9.88 17.29 -30.13
N GLY B 196 8.71 17.50 -29.53
CA GLY B 196 7.46 16.91 -30.05
C GLY B 196 7.05 15.61 -29.37
N ASN B 197 7.96 14.96 -28.65
CA ASN B 197 7.62 13.77 -27.89
C ASN B 197 6.76 14.05 -26.64
N PRO B 198 5.74 13.22 -26.43
CA PRO B 198 4.92 13.30 -25.21
C PRO B 198 5.76 13.14 -23.97
N ILE B 199 5.44 13.93 -22.96
CA ILE B 199 5.96 13.68 -21.63
C ILE B 199 5.23 12.48 -21.03
N MET B 200 5.98 11.48 -20.58
CA MET B 200 5.34 10.22 -20.24
C MET B 200 5.49 10.05 -18.75
N TYR B 201 4.59 9.29 -18.14
CA TYR B 201 4.79 8.84 -16.78
C TYR B 201 4.34 7.40 -16.66
N ALA B 202 5.29 6.51 -16.41
CA ALA B 202 5.02 5.08 -16.63
C ALA B 202 4.58 4.90 -18.07
N ASN B 203 3.31 4.57 -18.23
CA ASN B 203 2.79 4.30 -19.55
C ASN B 203 1.77 5.30 -20.02
N SER B 204 1.64 6.41 -19.31
CA SER B 204 0.49 7.28 -19.45
C SER B 204 0.90 8.60 -20.10
N LYS B 205 0.13 9.05 -21.10
CA LYS B 205 0.39 10.38 -21.67
C LYS B 205 -0.08 11.50 -20.75
N GLY B 206 -0.81 11.13 -19.69
CA GLY B 206 -1.32 12.09 -18.69
C GLY B 206 -2.83 12.00 -18.45
N THR B 207 -3.35 12.86 -17.56
CA THR B 207 -4.78 12.90 -17.23
C THR B 207 -5.37 14.32 -17.35
N GLY B 208 -5.82 14.88 -16.22
CA GLY B 208 -6.32 16.24 -16.20
C GLY B 208 -5.63 17.07 -15.12
N MET B 209 -6.32 18.12 -14.66
CA MET B 209 -5.93 18.92 -13.49
C MET B 209 -5.88 18.07 -12.22
N MET B 210 -5.01 18.45 -11.28
CA MET B 210 -4.91 17.72 -10.02
C MET B 210 -4.20 18.58 -8.97
N THR B 211 -4.44 18.24 -7.72
CA THR B 211 -3.83 19.00 -6.64
C THR B 211 -2.33 18.68 -6.61
N LEU B 212 -1.57 19.52 -5.92
CA LEU B 212 -0.19 19.27 -5.59
C LEU B 212 0.01 17.95 -4.79
N GLY B 213 -0.93 17.66 -3.88
CA GLY B 213 -0.92 16.43 -3.06
C GLY B 213 -0.98 15.21 -3.97
N GLU B 214 -1.88 15.25 -4.96
CA GLU B 214 -2.01 14.17 -5.90
C GLU B 214 -0.78 14.11 -6.81
N ALA B 215 -0.34 15.25 -7.31
CA ALA B 215 0.84 15.21 -8.19
C ALA B 215 2.02 14.52 -7.43
N LEU B 216 2.13 14.81 -6.14
CA LEU B 216 3.29 14.31 -5.36
C LEU B 216 3.10 12.84 -4.98
N ASN B 217 1.89 12.49 -4.56
CA ASN B 217 1.62 11.14 -4.18
C ASN B 217 1.88 10.13 -5.28
N TYR B 218 1.40 10.43 -6.49
CA TYR B 218 1.50 9.48 -7.60
C TYR B 218 2.83 9.69 -8.29
N SER B 219 3.44 10.84 -8.03
CA SER B 219 4.68 11.24 -8.67
C SER B 219 4.60 11.52 -10.18
N TRP B 220 3.51 12.15 -10.61
CA TRP B 220 3.36 12.47 -12.02
C TRP B 220 4.49 13.37 -12.52
N ASN B 221 4.74 13.36 -13.84
CA ASN B 221 5.82 14.19 -14.41
C ASN B 221 5.39 15.54 -15.00
N ILE B 222 4.24 15.59 -15.66
CA ILE B 222 3.84 16.86 -16.33
C ILE B 222 3.71 18.06 -15.38
N PRO B 223 3.21 17.84 -14.17
CA PRO B 223 3.10 18.97 -13.21
C PRO B 223 4.47 19.54 -12.80
N ALA B 224 5.48 18.68 -12.61
CA ALA B 224 6.85 19.16 -12.37
C ALA B 224 7.43 19.88 -13.55
N TYR B 225 7.19 19.36 -14.75
CA TYR B 225 7.65 20.06 -15.95
C TYR B 225 7.08 21.49 -15.99
N TRP B 226 5.77 21.63 -15.77
CA TRP B 226 5.15 22.96 -15.77
C TRP B 226 5.62 23.82 -14.58
N THR B 227 5.87 23.18 -13.45
CA THR B 227 6.36 23.93 -12.30
C THR B 227 7.75 24.56 -12.57
N TYR B 228 8.66 23.77 -13.11
CA TYR B 228 9.99 24.29 -13.40
C TYR B 228 9.93 25.29 -14.52
N ARG B 229 8.99 25.10 -15.42
CA ARG B 229 8.81 26.01 -16.52
C ARG B 229 8.36 27.36 -16.01
N MET B 230 7.34 27.38 -15.14
CA MET B 230 7.00 28.59 -14.41
C MET B 230 8.20 29.26 -13.73
N LEU B 231 9.00 28.49 -13.00
CA LEU B 231 10.09 29.08 -12.23
C LEU B 231 11.01 29.79 -13.21
N ARG B 232 11.22 29.16 -14.35
CA ARG B 232 12.11 29.74 -15.30
C ARG B 232 11.54 31.00 -15.92
N GLU B 233 10.23 31.01 -16.20
CA GLU B 233 9.57 32.20 -16.76
C GLU B 233 9.65 33.31 -15.74
N ASN B 234 9.66 32.96 -14.47
CA ASN B 234 9.67 33.99 -13.47
C ASN B 234 11.05 34.51 -13.15
N GLY B 235 12.06 33.96 -13.80
CA GLY B 235 13.44 34.32 -13.48
C GLY B 235 13.95 33.91 -12.11
N VAL B 236 13.31 32.95 -11.46
CA VAL B 236 13.80 32.43 -10.18
C VAL B 236 15.17 31.78 -10.25
N ASP B 237 15.99 32.07 -9.22
CA ASP B 237 17.35 31.60 -9.19
C ASP B 237 17.41 30.19 -8.59
N VAL B 238 16.92 29.20 -9.34
CA VAL B 238 16.82 27.83 -8.82
C VAL B 238 18.20 27.37 -8.45
N LYS B 239 19.18 27.78 -9.25
CA LYS B 239 20.57 27.41 -9.00
C LYS B 239 21.05 27.85 -7.61
N GLY B 240 20.83 29.11 -7.28
CA GLY B 240 20.98 29.61 -5.91
C GLY B 240 20.52 28.66 -4.82
N TYR B 241 19.27 28.21 -4.90
CA TYR B 241 18.74 27.27 -3.92
C TYR B 241 19.56 25.99 -3.90
N MET B 242 19.81 25.39 -5.07
CA MET B 242 20.40 24.05 -5.10
C MET B 242 21.82 24.11 -4.60
N GLU B 243 22.53 25.17 -4.96
CA GLU B 243 23.93 25.32 -4.59
C GLU B 243 24.08 25.56 -3.13
N LYS B 244 23.12 26.23 -2.50
CA LYS B 244 23.16 26.37 -1.05
C LYS B 244 23.09 25.00 -0.36
N MET B 245 22.53 23.99 -1.02
CA MET B 245 22.48 22.64 -0.43
C MET B 245 23.65 21.73 -0.87
N GLY B 246 24.60 22.30 -1.64
CA GLY B 246 25.79 21.56 -2.10
C GLY B 246 25.60 20.77 -3.40
N TYR B 247 24.51 21.00 -4.13
CA TYR B 247 24.27 20.27 -5.37
C TYR B 247 25.03 20.90 -6.52
N GLU B 248 25.61 20.06 -7.36
CA GLU B 248 26.37 20.54 -8.50
C GLU B 248 25.70 20.01 -9.75
N ILE B 249 24.99 20.90 -10.44
CA ILE B 249 24.21 20.53 -11.65
C ILE B 249 24.78 21.40 -12.76
N PRO B 250 25.31 20.78 -13.83
CA PRO B 250 26.11 21.56 -14.79
C PRO B 250 25.20 22.34 -15.72
N GLU B 251 23.95 21.91 -15.88
CA GLU B 251 23.08 22.55 -16.89
C GLU B 251 21.65 22.61 -16.44
N TYR B 252 21.17 23.82 -16.10
CA TYR B 252 19.82 24.03 -15.57
C TYR B 252 18.79 24.17 -16.65
N GLY B 253 19.26 24.45 -17.86
CA GLY B 253 18.39 24.58 -19.03
C GLY B 253 18.03 23.24 -19.66
N ILE B 254 17.37 22.39 -18.87
CA ILE B 254 16.93 21.09 -19.32
C ILE B 254 15.47 20.89 -18.89
N GLU B 255 14.60 20.52 -19.84
CA GLU B 255 13.16 20.43 -19.61
C GLU B 255 12.79 19.45 -18.50
N SER B 256 13.62 18.44 -18.30
CA SER B 256 13.24 17.27 -17.53
C SER B 256 14.05 17.31 -16.24
N LEU B 257 14.67 18.46 -16.00
CA LEU B 257 15.52 18.63 -14.82
C LEU B 257 14.78 18.34 -13.52
N PRO B 258 13.51 18.75 -13.41
CA PRO B 258 12.73 18.51 -12.19
C PRO B 258 12.33 17.06 -12.02
N MET B 259 12.54 16.25 -13.05
CA MET B 259 12.26 14.84 -12.94
C MET B 259 13.56 14.11 -12.70
N GLY B 260 14.66 14.83 -12.61
CA GLY B 260 15.92 14.15 -12.39
C GLY B 260 16.76 14.03 -13.63
N GLY B 261 16.29 14.63 -14.72
CA GLY B 261 17.03 14.62 -15.99
C GLY B 261 18.20 15.57 -15.88
N GLY B 262 19.41 15.10 -16.17
CA GLY B 262 20.60 15.96 -16.09
C GLY B 262 21.11 16.20 -14.68
N ILE B 263 20.66 15.40 -13.72
CA ILE B 263 21.19 15.43 -12.34
C ILE B 263 21.68 14.07 -11.94
N GLU B 264 22.89 14.03 -11.37
CA GLU B 264 23.43 12.84 -10.74
C GLU B 264 23.94 13.19 -9.36
N VAL B 265 23.57 12.40 -8.34
CA VAL B 265 24.05 12.72 -6.98
C VAL B 265 24.48 11.47 -6.24
N THR B 266 25.28 11.65 -5.23
CA THR B 266 25.50 10.58 -4.24
C THR B 266 24.41 10.53 -3.19
N VAL B 267 24.37 9.42 -2.45
CA VAL B 267 23.30 9.23 -1.51
C VAL B 267 23.54 10.18 -0.38
N ALA B 268 24.83 10.39 -0.04
CA ALA B 268 25.22 11.34 1.05
C ALA B 268 24.80 12.76 0.71
N GLN B 269 25.07 13.21 -0.50
CA GLN B 269 24.63 14.55 -0.84
C GLN B 269 23.11 14.65 -0.88
N HIS B 270 22.47 13.64 -1.47
CA HIS B 270 21.05 13.78 -1.68
C HIS B 270 20.32 13.67 -0.33
N THR B 271 20.91 12.92 0.60
CA THR B 271 20.32 12.82 1.91
C THR B 271 20.34 14.24 2.52
N ASN B 272 21.37 15.01 2.16
CA ASN B 272 21.54 16.37 2.69
C ASN B 272 20.46 17.36 2.24
N GLY B 273 19.94 17.18 1.03
CA GLY B 273 18.80 18.00 0.52
C GLY B 273 17.55 17.72 1.32
N TYR B 274 17.33 16.44 1.64
CA TYR B 274 16.20 16.07 2.44
C TYR B 274 16.34 16.51 3.90
N GLN B 275 17.57 16.50 4.41
CA GLN B 275 17.84 16.99 5.78
C GLN B 275 17.36 18.44 5.81
N THR B 276 17.55 19.17 4.72
CA THR B 276 17.23 20.62 4.73
C THR B 276 15.73 20.86 4.85
N LEU B 277 14.95 20.06 4.14
CA LEU B 277 13.50 20.16 4.21
C LEU B 277 13.02 19.75 5.59
N ALA B 278 13.63 18.70 6.12
CA ALA B 278 13.19 18.14 7.37
C ALA B 278 13.50 19.16 8.50
N ASN B 279 14.68 19.74 8.47
CA ASN B 279 15.10 20.74 9.49
C ASN B 279 14.43 22.10 9.32
N ASN B 280 13.17 22.13 8.91
CA ASN B 280 12.44 23.41 8.74
C ASN B 280 13.15 24.39 7.82
N GLY B 281 13.88 23.83 6.86
CA GLY B 281 14.41 24.62 5.76
C GLY B 281 15.86 25.06 5.96
N VAL B 282 16.43 24.63 7.09
CA VAL B 282 17.79 25.00 7.43
C VAL B 282 18.79 23.87 7.12
N TYR B 283 19.67 24.14 6.14
CA TYR B 283 20.75 23.26 5.75
C TYR B 283 21.91 23.26 6.77
N HIS B 284 22.36 22.06 7.15
CA HIS B 284 23.70 21.83 7.73
C HIS B 284 24.48 20.90 6.82
N GLN B 285 25.69 21.31 6.50
CA GLN B 285 26.51 20.57 5.57
C GLN B 285 26.83 19.18 6.12
N LYS B 286 26.68 18.14 5.27
CA LYS B 286 26.94 16.78 5.71
C LYS B 286 28.41 16.71 6.10
N HIS B 287 28.76 15.89 7.08
CA HIS B 287 30.16 15.66 7.39
C HIS B 287 30.22 14.38 8.16
N VAL B 288 31.37 13.70 8.10
CA VAL B 288 31.63 12.46 8.82
C VAL B 288 32.78 12.65 9.83
N ILE B 289 33.48 13.79 9.72
CA ILE B 289 34.61 14.10 10.64
C ILE B 289 34.24 15.31 11.48
N SER B 290 34.36 15.19 12.80
CA SER B 290 34.04 16.37 13.62
C SER B 290 35.27 17.11 14.16
N LYS B 291 36.41 16.40 14.25
CA LYS B 291 37.66 16.99 14.82
C LYS B 291 38.91 16.19 14.40
N ILE B 292 39.99 16.90 14.03
CA ILE B 292 41.34 16.32 13.99
C ILE B 292 42.23 17.10 14.96
N GLU B 293 42.88 16.37 15.87
CA GLU B 293 43.76 16.99 16.85
C GLU B 293 45.07 16.24 16.86
N ALA B 294 46.17 16.99 16.92
CA ALA B 294 47.51 16.41 17.02
C ALA B 294 47.87 16.15 18.48
N ALA B 295 48.79 15.23 18.66
CA ALA B 295 49.23 14.79 19.98
C ALA B 295 49.63 16.00 20.85
N ASP B 296 50.16 17.06 20.22
CA ASP B 296 50.62 18.28 20.94
C ASP B 296 49.52 19.26 21.26
N GLY B 297 48.30 18.99 20.81
CA GLY B 297 47.16 19.84 21.15
C GLY B 297 46.62 20.70 20.03
N ARG B 298 47.35 20.83 18.93
CA ARG B 298 46.86 21.59 17.80
C ARG B 298 45.56 20.96 17.30
N VAL B 299 44.52 21.76 17.23
CA VAL B 299 43.29 21.30 16.61
C VAL B 299 43.39 21.66 15.12
N VAL B 300 43.81 20.73 14.27
CA VAL B 300 43.95 21.08 12.85
C VAL B 300 42.64 21.23 12.07
N TYR B 301 41.55 20.74 12.64
CA TYR B 301 40.25 20.89 12.01
C TYR B 301 39.17 20.62 13.03
N GLU B 302 38.15 21.47 13.04
CA GLU B 302 36.96 21.17 13.80
C GLU B 302 35.69 21.62 13.08
N TYR B 303 34.72 20.73 12.94
CA TYR B 303 33.50 21.05 12.23
C TYR B 303 32.88 22.38 12.73
N GLN B 304 32.73 23.32 11.81
CA GLN B 304 32.10 24.60 12.11
C GLN B 304 30.62 24.64 11.68
N ASP B 305 29.72 24.63 12.65
CA ASP B 305 28.28 24.83 12.39
C ASP B 305 28.02 26.07 11.49
N LYS B 306 27.48 25.85 10.30
CA LYS B 306 27.15 26.96 9.40
C LYS B 306 25.70 26.82 8.83
N PRO B 307 24.68 27.00 9.68
CA PRO B 307 23.28 26.79 9.23
C PRO B 307 22.92 27.79 8.12
N VAL B 308 22.23 27.34 7.07
CA VAL B 308 21.76 28.24 6.01
C VAL B 308 20.25 28.01 5.83
N GLN B 309 19.48 29.09 5.90
CA GLN B 309 18.05 29.07 5.61
C GLN B 309 17.86 29.04 4.09
N VAL B 310 17.59 27.85 3.56
CA VAL B 310 17.49 27.63 2.13
C VAL B 310 16.06 27.85 1.69
N TYR B 311 15.13 27.15 2.33
CA TYR B 311 13.71 27.54 2.20
C TYR B 311 13.26 28.22 3.50
N SER B 312 12.30 29.14 3.42
CA SER B 312 11.62 29.64 4.61
C SER B 312 11.03 28.51 5.45
N LYS B 313 10.86 28.77 6.75
CA LYS B 313 10.18 27.79 7.63
C LYS B 313 8.75 27.44 7.18
N ALA B 314 8.01 28.44 6.71
CA ALA B 314 6.69 28.18 6.12
C ALA B 314 6.71 27.17 4.96
N THR B 315 7.64 27.36 4.03
CA THR B 315 7.78 26.43 2.90
C THR B 315 8.12 25.02 3.39
N ALA B 316 9.17 24.94 4.20
CA ALA B 316 9.66 23.63 4.61
C ALA B 316 8.56 22.89 5.35
N THR B 317 7.91 23.56 6.29
CA THR B 317 6.84 22.89 7.04
C THR B 317 5.64 22.56 6.15
N ILE B 318 5.34 23.41 5.17
CA ILE B 318 4.28 23.03 4.24
C ILE B 318 4.68 21.75 3.49
N MET B 319 5.96 21.69 3.11
CA MET B 319 6.41 20.59 2.28
C MET B 319 6.38 19.32 3.11
N GLN B 320 6.73 19.48 4.39
CA GLN B 320 6.70 18.33 5.33
C GLN B 320 5.33 17.69 5.37
N GLY B 321 4.28 18.51 5.44
CA GLY B 321 2.91 17.99 5.48
C GLY B 321 2.58 17.17 4.23
N LEU B 322 3.04 17.60 3.06
CA LEU B 322 2.77 16.93 1.77
C LEU B 322 3.56 15.62 1.69
N LEU B 323 4.79 15.67 2.17
CA LEU B 323 5.63 14.47 2.12
C LEU B 323 5.17 13.41 3.13
N ARG B 324 4.50 13.84 4.21
CA ARG B 324 3.85 12.87 5.13
C ARG B 324 2.82 12.03 4.37
N GLU B 325 2.05 12.69 3.52
CA GLU B 325 1.00 12.00 2.78
C GLU B 325 1.55 11.18 1.61
N VAL B 326 2.69 11.56 1.05
CA VAL B 326 3.33 10.68 0.08
C VAL B 326 3.49 9.27 0.63
N LEU B 327 4.01 9.19 1.85
CA LEU B 327 4.21 7.88 2.46
C LEU B 327 2.90 7.23 2.91
N SER B 328 2.02 7.98 3.57
CA SER B 328 0.83 7.36 4.12
C SER B 328 -0.16 6.97 3.02
N SER B 329 -0.12 7.67 1.87
CA SER B 329 -0.97 7.29 0.73
C SER B 329 -0.59 5.91 0.19
N ARG B 330 0.65 5.51 0.44
CA ARG B 330 1.22 4.27 -0.07
C ARG B 330 1.14 4.12 -1.59
N VAL B 331 1.01 5.22 -2.35
CA VAL B 331 0.83 5.03 -3.80
C VAL B 331 2.10 4.48 -4.47
N THR B 332 3.26 5.08 -4.18
CA THR B 332 4.52 4.61 -4.82
C THR B 332 5.49 3.88 -3.88
N THR B 333 5.11 3.69 -2.62
CA THR B 333 5.92 2.90 -1.67
C THR B 333 4.99 2.12 -0.78
N THR B 334 5.34 0.86 -0.48
CA THR B 334 4.70 0.13 0.62
C THR B 334 5.33 0.36 2.01
N PHE B 335 6.25 1.30 2.11
CA PHE B 335 7.07 1.46 3.32
C PHE B 335 6.31 1.47 4.67
N LYS B 336 5.29 2.33 4.79
CA LYS B 336 4.55 2.49 6.06
C LYS B 336 3.85 1.17 6.41
N SER B 337 3.39 0.43 5.40
CA SER B 337 2.82 -0.89 5.66
C SER B 337 3.85 -1.87 6.16
N ASN B 338 5.00 -1.96 5.47
CA ASN B 338 6.12 -2.83 5.92
C ASN B 338 6.52 -2.54 7.36
N LEU B 339 6.72 -1.26 7.66
CA LEU B 339 7.18 -0.82 8.97
C LEU B 339 6.13 -1.07 10.11
N THR B 340 4.87 -0.80 9.81
CA THR B 340 3.75 -1.12 10.70
C THR B 340 3.79 -2.58 11.13
N SER B 341 4.01 -3.47 10.16
CA SER B 341 4.18 -4.86 10.45
C SER B 341 5.42 -5.20 11.29
N LEU B 342 6.55 -4.56 11.01
CA LEU B 342 7.75 -4.84 11.80
C LEU B 342 7.72 -4.21 13.21
N ASN B 343 7.07 -3.07 13.33
CA ASN B 343 7.23 -2.28 14.55
C ASN B 343 6.24 -1.14 14.54
N PRO B 344 4.98 -1.49 14.86
CA PRO B 344 3.83 -0.57 14.77
C PRO B 344 4.07 0.73 15.52
N THR B 345 4.75 0.66 16.65
CA THR B 345 4.93 1.88 17.43
C THR B 345 5.90 2.79 16.69
N LEU B 346 6.98 2.22 16.15
CA LEU B 346 7.92 3.00 15.33
C LEU B 346 7.23 3.56 14.09
N ALA B 347 6.31 2.78 13.49
CA ALA B 347 5.56 3.30 12.34
C ALA B 347 4.70 4.53 12.61
N ASN B 348 4.50 4.81 13.91
CA ASN B 348 3.64 5.90 14.34
C ASN B 348 4.40 7.20 14.58
N ALA B 349 5.73 7.12 14.59
CA ALA B 349 6.61 8.29 14.48
C ALA B 349 6.23 9.12 13.25
N ASP B 350 6.63 10.38 13.20
CA ASP B 350 6.13 11.27 12.13
C ASP B 350 6.98 11.18 10.84
N TRP B 351 6.79 10.10 10.09
CA TRP B 351 7.55 9.84 8.88
C TRP B 351 7.06 10.67 7.72
N ILE B 352 8.00 11.22 6.96
CA ILE B 352 7.73 11.88 5.65
C ILE B 352 8.75 11.34 4.66
N GLY B 353 8.48 11.40 3.37
CA GLY B 353 9.46 10.86 2.43
C GLY B 353 9.07 11.17 1.02
N LYS B 354 9.91 10.72 0.08
CA LYS B 354 9.58 10.71 -1.35
C LYS B 354 10.35 9.59 -2.04
N THR B 355 9.71 8.92 -3.00
CA THR B 355 10.37 7.94 -3.85
C THR B 355 10.90 8.52 -5.19
N GLY B 356 11.84 7.80 -5.76
CA GLY B 356 12.26 8.09 -7.11
C GLY B 356 12.42 6.83 -7.92
N THR B 357 12.09 6.93 -9.22
CA THR B 357 12.24 5.84 -10.20
C THR B 357 12.75 6.36 -11.57
N THR B 358 13.91 5.89 -12.03
CA THR B 358 14.38 6.33 -13.36
C THR B 358 13.62 5.58 -14.46
N GLY B 359 13.78 6.07 -15.68
CA GLY B 359 12.87 5.74 -16.77
C GLY B 359 12.77 4.27 -17.09
N GLN B 360 13.87 3.54 -16.85
CA GLN B 360 13.91 2.15 -17.24
C GLN B 360 14.07 1.36 -15.97
N ASP B 361 13.79 2.00 -14.84
CA ASP B 361 13.79 1.29 -13.58
C ASP B 361 15.23 0.93 -13.26
N GLU B 362 16.17 1.75 -13.74
CA GLU B 362 17.58 1.52 -13.41
C GLU B 362 17.90 1.81 -11.96
N ASN B 363 17.27 2.84 -11.41
CA ASN B 363 17.60 3.36 -10.08
C ASN B 363 16.30 3.65 -9.30
N MET B 364 16.23 3.19 -8.04
CA MET B 364 15.13 3.48 -7.15
C MET B 364 15.69 4.20 -5.96
N TRP B 365 14.99 5.25 -5.51
CA TRP B 365 15.36 6.00 -4.34
C TRP B 365 14.21 5.97 -3.34
N LEU B 366 14.56 5.87 -2.07
CA LEU B 366 13.57 6.24 -1.07
C LEU B 366 14.22 7.14 -0.03
N MET B 367 13.65 8.33 0.15
CA MET B 367 14.15 9.27 1.18
C MET B 367 13.12 9.39 2.30
N LEU B 368 13.57 9.24 3.56
CA LEU B 368 12.74 9.16 4.78
C LEU B 368 13.30 10.12 5.79
N SER B 369 12.41 10.85 6.47
CA SER B 369 12.80 11.69 7.62
C SER B 369 11.75 11.59 8.74
N THR B 370 12.23 11.59 9.99
CA THR B 370 11.47 12.14 11.11
C THR B 370 12.12 13.47 11.50
N PRO B 371 11.54 14.19 12.45
CA PRO B 371 12.06 15.54 12.72
C PRO B 371 13.54 15.47 13.07
N ARG B 372 13.96 14.38 13.70
CA ARG B 372 15.36 14.21 14.13
C ARG B 372 16.34 13.68 13.02
N LEU B 373 15.90 12.70 12.23
CA LEU B 373 16.80 12.04 11.26
C LEU B 373 16.26 11.97 9.86
N THR B 374 17.18 11.98 8.91
CA THR B 374 16.91 11.65 7.54
C THR B 374 17.71 10.41 7.14
N LEU B 375 17.03 9.49 6.44
CA LEU B 375 17.67 8.26 5.96
C LEU B 375 17.46 8.24 4.45
N GLY B 376 18.53 8.37 3.68
CA GLY B 376 18.41 8.24 2.24
C GLY B 376 18.71 6.83 1.81
N GLY B 377 18.09 6.40 0.72
CA GLY B 377 18.30 5.00 0.29
C GLY B 377 18.26 4.95 -1.23
N TRP B 378 19.31 4.39 -1.85
CA TRP B 378 19.30 4.07 -3.31
C TRP B 378 19.50 2.57 -3.50
N ILE B 379 18.86 2.00 -4.51
CA ILE B 379 19.29 0.70 -5.03
C ILE B 379 19.40 0.75 -6.54
N GLY B 380 20.19 -0.18 -7.10
CA GLY B 380 20.36 -0.29 -8.57
C GLY B 380 21.53 -1.23 -8.89
N HIS B 381 21.94 -1.32 -10.15
CA HIS B 381 23.10 -2.16 -10.49
C HIS B 381 24.32 -1.30 -10.83
N ASP B 382 25.50 -1.79 -10.49
CA ASP B 382 26.72 -1.08 -10.87
C ASP B 382 26.79 -0.83 -12.37
N ASP B 383 26.28 -1.76 -13.19
CA ASP B 383 26.34 -1.57 -14.66
C ASP B 383 25.11 -0.82 -15.24
N ASN B 384 24.27 -0.29 -14.37
CA ASN B 384 23.05 0.42 -14.78
C ASN B 384 21.92 -0.30 -15.45
N HIS B 385 21.96 -1.62 -15.54
CA HIS B 385 20.83 -2.32 -16.16
C HIS B 385 19.58 -2.26 -15.29
N SER B 386 18.45 -2.62 -15.89
CA SER B 386 17.12 -2.51 -15.25
C SER B 386 16.92 -3.42 -14.03
N LEU B 387 16.24 -2.88 -13.02
CA LEU B 387 15.69 -3.63 -11.91
C LEU B 387 14.31 -4.11 -12.34
N SER B 388 13.69 -5.00 -11.57
CA SER B 388 12.25 -5.35 -11.77
C SER B 388 11.30 -4.15 -11.63
N GLN B 389 10.05 -4.30 -12.07
CA GLN B 389 9.04 -3.23 -12.02
C GLN B 389 8.84 -2.69 -10.61
N GLN B 390 8.68 -3.59 -9.63
CA GLN B 390 8.37 -3.20 -8.25
C GLN B 390 9.59 -3.05 -7.33
N ALA B 391 10.80 -3.02 -7.90
CA ALA B 391 12.01 -2.95 -7.07
C ALA B 391 11.91 -1.83 -6.00
N GLY B 392 11.39 -0.67 -6.38
CA GLY B 392 11.44 0.47 -5.46
C GLY B 392 10.14 0.52 -4.67
N TYR B 393 9.01 0.29 -5.35
CA TYR B 393 7.68 0.28 -4.70
C TYR B 393 7.65 -0.65 -3.47
N SER B 394 8.17 -1.85 -3.65
CA SER B 394 8.07 -2.91 -2.67
C SER B 394 9.44 -3.32 -2.05
N ASN B 395 10.41 -3.73 -2.86
CA ASN B 395 11.62 -4.36 -2.30
C ASN B 395 12.44 -3.35 -1.48
N ASN B 396 12.79 -2.22 -2.08
CA ASN B 396 13.49 -1.19 -1.33
C ASN B 396 12.72 -0.74 -0.11
N SER B 397 11.39 -0.65 -0.23
CA SER B 397 10.57 -0.07 0.84
C SER B 397 10.60 -1.03 2.02
N ASN B 398 10.52 -2.31 1.72
CA ASN B 398 10.58 -3.36 2.75
C ASN B 398 11.98 -3.49 3.37
N TYR B 399 13.03 -3.46 2.55
CA TYR B 399 14.41 -3.50 3.07
C TYR B 399 14.68 -2.29 3.99
N MET B 400 14.27 -1.10 3.56
CA MET B 400 14.35 0.09 4.43
C MET B 400 13.52 0.12 5.69
N ALA B 401 12.35 -0.53 5.70
CA ALA B 401 11.60 -0.68 6.97
C ALA B 401 12.42 -1.56 7.92
N HIS B 402 13.04 -2.58 7.37
CA HIS B 402 13.92 -3.47 8.15
C HIS B 402 15.15 -2.69 8.70
N LEU B 403 15.76 -1.90 7.83
CA LEU B 403 16.85 -0.98 8.24
C LEU B 403 16.44 0.02 9.35
N VAL B 404 15.31 0.72 9.13
CA VAL B 404 14.78 1.67 10.11
C VAL B 404 14.52 1.01 11.47
N ASN B 405 14.02 -0.20 11.43
CA ASN B 405 13.84 -0.97 12.66
C ASN B 405 15.13 -1.39 13.30
N ALA B 406 16.14 -1.78 12.51
CA ALA B 406 17.39 -2.21 13.15
C ALA B 406 18.05 -1.00 13.82
N ILE B 407 17.95 0.17 13.20
CA ILE B 407 18.49 1.41 13.79
C ILE B 407 17.81 1.71 15.15
N GLN B 408 16.47 1.58 15.14
CA GLN B 408 15.62 1.70 16.33
C GLN B 408 16.03 0.75 17.41
N GLN B 409 16.12 -0.53 17.07
CA GLN B 409 16.54 -1.52 18.06
C GLN B 409 17.87 -1.18 18.69
N ALA B 410 18.83 -0.73 17.89
CA ALA B 410 20.14 -0.34 18.42
C ALA B 410 20.08 0.90 19.33
N SER B 411 19.18 1.84 19.04
CA SER B 411 19.20 3.13 19.74
C SER B 411 17.75 3.69 19.83
N PRO B 412 17.00 3.17 20.80
CA PRO B 412 15.53 3.20 20.79
C PRO B 412 14.89 4.61 20.80
N SER B 413 15.64 5.63 21.19
CA SER B 413 15.11 6.97 21.12
C SER B 413 15.62 7.74 19.91
N ILE B 414 16.42 7.10 19.05
CA ILE B 414 17.16 7.90 18.07
C ILE B 414 16.27 8.61 17.02
N TRP B 415 15.16 8.01 16.61
CA TRP B 415 14.23 8.63 15.61
C TRP B 415 13.38 9.76 16.16
N GLY B 416 13.09 9.64 17.45
CA GLY B 416 12.41 10.69 18.18
C GLY B 416 10.91 10.58 18.11
N ASN B 417 10.24 11.22 19.08
CA ASN B 417 8.79 11.19 19.09
C ASN B 417 8.14 12.52 18.63
N GLU B 418 8.95 13.48 18.20
CA GLU B 418 8.46 14.83 17.84
C GLU B 418 7.60 14.72 16.58
N ARG B 419 6.67 15.63 16.37
CA ARG B 419 5.88 15.71 15.11
C ARG B 419 6.43 16.84 14.27
N PHE B 420 6.30 16.76 12.95
CA PHE B 420 6.46 17.96 12.12
C PHE B 420 5.20 18.82 12.28
N ALA B 421 5.34 20.14 12.30
CA ALA B 421 4.15 21.00 12.36
C ALA B 421 4.30 22.29 11.58
N LEU B 422 3.18 22.83 11.04
CA LEU B 422 3.22 24.16 10.43
C LEU B 422 3.92 25.20 11.29
N ASP B 423 4.84 25.95 10.71
CA ASP B 423 5.36 27.14 11.35
C ASP B 423 4.23 28.17 11.47
N PRO B 424 4.19 28.95 12.55
CA PRO B 424 3.19 30.03 12.67
C PRO B 424 3.11 30.97 11.45
N SER B 425 4.25 31.20 10.78
CA SER B 425 4.32 32.15 9.64
C SER B 425 3.53 31.63 8.43
N VAL B 426 3.15 30.37 8.42
CA VAL B 426 2.36 29.85 7.31
C VAL B 426 1.07 30.63 7.22
N VAL B 427 0.73 31.05 6.00
CA VAL B 427 -0.56 31.74 5.73
C VAL B 427 -1.61 30.78 5.20
N LYS B 428 -2.82 30.79 5.77
CA LYS B 428 -3.88 29.82 5.40
C LYS B 428 -4.90 30.48 4.48
N SER B 429 -5.33 29.83 3.40
CA SER B 429 -6.45 30.42 2.62
C SER B 429 -7.58 29.44 2.39
N GLU B 430 -8.81 29.92 2.45
CA GLU B 430 -9.94 29.11 2.05
CA GLU B 430 -9.94 29.11 2.05
C GLU B 430 -10.05 29.15 0.53
N VAL B 431 -10.00 27.96 -0.08
CA VAL B 431 -9.86 27.86 -1.52
C VAL B 431 -10.82 26.79 -2.08
N LEU B 432 -11.22 26.95 -3.34
CA LEU B 432 -12.10 25.98 -4.00
C LEU B 432 -11.26 24.74 -4.30
N LYS B 433 -11.80 23.55 -4.01
CA LYS B 433 -11.10 22.30 -4.33
C LYS B 433 -10.78 22.33 -5.80
N SER B 434 -11.72 22.84 -6.58
CA SER B 434 -11.66 22.68 -8.02
C SER B 434 -10.63 23.60 -8.70
N THR B 435 -10.29 24.72 -8.08
CA THR B 435 -9.40 25.66 -8.76
C THR B 435 -8.11 25.91 -8.02
N GLY B 436 -8.10 25.64 -6.72
CA GLY B 436 -6.96 25.98 -5.87
C GLY B 436 -6.87 27.46 -5.48
N GLN B 437 -7.85 28.26 -5.89
CA GLN B 437 -7.85 29.70 -5.57
C GLN B 437 -9.16 30.14 -4.92
N LYS B 438 -9.19 31.34 -4.33
CA LYS B 438 -10.36 31.80 -3.58
C LYS B 438 -11.61 31.79 -4.48
N PRO B 439 -12.76 31.47 -3.92
CA PRO B 439 -14.01 31.54 -4.69
C PRO B 439 -14.27 32.94 -5.25
N GLY B 440 -14.90 33.00 -6.41
CA GLY B 440 -15.39 34.28 -6.93
C GLY B 440 -15.80 34.17 -8.38
N LYS B 441 -15.94 35.32 -9.03
CA LYS B 441 -16.42 35.34 -10.41
C LYS B 441 -15.23 35.35 -11.36
N VAL B 442 -15.44 34.75 -12.53
CA VAL B 442 -14.39 34.56 -13.51
C VAL B 442 -14.92 34.85 -14.91
N SER B 443 -14.12 35.60 -15.66
CA SER B 443 -14.28 35.72 -17.10
C SER B 443 -14.21 34.34 -17.77
N VAL B 444 -15.34 33.65 -17.88
CA VAL B 444 -15.38 32.41 -18.65
C VAL B 444 -15.79 32.69 -20.08
N GLU B 445 -14.95 33.48 -20.77
CA GLU B 445 -15.14 33.85 -22.17
C GLU B 445 -16.58 34.28 -22.44
N GLY B 446 -16.85 35.58 -22.24
CA GLY B 446 -18.21 36.11 -22.30
C GLY B 446 -19.18 35.16 -21.61
N LYS B 447 -20.02 35.70 -20.74
CA LYS B 447 -20.65 34.91 -19.68
C LYS B 447 -19.74 34.82 -18.46
N GLU B 448 -19.51 35.96 -17.82
CA GLU B 448 -18.97 36.05 -16.47
C GLU B 448 -19.68 35.08 -15.52
N VAL B 449 -18.91 34.21 -14.86
CA VAL B 449 -19.44 33.09 -14.08
C VAL B 449 -19.06 33.20 -12.61
N GLU B 450 -19.96 32.76 -11.72
CA GLU B 450 -19.76 32.84 -10.28
C GLU B 450 -19.31 31.50 -9.72
N VAL B 451 -18.03 31.36 -9.41
CA VAL B 451 -17.48 30.06 -9.05
C VAL B 451 -17.72 29.73 -7.57
N THR B 452 -18.48 28.68 -7.35
CA THR B 452 -18.89 28.24 -6.01
C THR B 452 -18.41 26.81 -5.89
N GLY B 453 -18.43 26.25 -4.68
CA GLY B 453 -18.32 24.80 -4.57
C GLY B 453 -17.58 24.33 -3.34
N SER B 454 -17.24 23.05 -3.33
CA SER B 454 -16.44 22.47 -2.25
C SER B 454 -15.27 23.38 -1.82
N THR B 455 -15.13 23.61 -0.52
CA THR B 455 -14.06 24.41 0.03
C THR B 455 -12.96 23.57 0.76
N VAL B 456 -11.68 23.97 0.64
CA VAL B 456 -10.56 23.39 1.43
C VAL B 456 -9.53 24.44 1.91
N THR B 457 -8.78 24.12 2.96
CA THR B 457 -7.74 25.05 3.40
C THR B 457 -6.48 24.82 2.61
N SER B 458 -5.87 25.88 2.12
CA SER B 458 -4.62 25.79 1.35
C SER B 458 -3.54 26.60 2.03
N TYR B 459 -2.36 26.03 2.19
CA TYR B 459 -1.28 26.67 2.92
C TYR B 459 -0.30 27.33 1.95
N TRP B 460 0.05 28.58 2.26
CA TRP B 460 0.96 29.40 1.46
C TRP B 460 2.15 29.89 2.31
N ALA B 461 3.26 30.14 1.64
CA ALA B 461 4.47 30.64 2.28
C ALA B 461 4.76 32.09 1.88
N ASN B 462 3.75 32.89 1.56
CA ASN B 462 3.95 34.28 1.17
C ASN B 462 3.32 35.20 2.20
N LYS B 463 3.09 36.46 1.83
CA LYS B 463 2.41 37.39 2.69
C LYS B 463 0.89 37.26 2.57
N SER B 464 0.37 37.16 1.33
CA SER B 464 -1.03 37.44 1.09
C SER B 464 -1.94 36.20 1.00
N GLY B 465 -1.33 35.02 0.82
CA GLY B 465 -2.08 33.78 0.59
C GLY B 465 -2.35 33.48 -0.88
N ALA B 466 -3.38 32.67 -1.15
CA ALA B 466 -3.73 32.35 -2.55
C ALA B 466 -4.52 33.51 -3.22
N PRO B 467 -4.53 33.54 -4.55
CA PRO B 467 -5.28 34.54 -5.34
C PRO B 467 -6.79 34.30 -5.33
N ALA B 468 -7.57 35.29 -5.77
CA ALA B 468 -8.88 34.95 -6.31
C ALA B 468 -8.66 34.10 -7.55
N THR B 469 -9.61 33.21 -7.83
CA THR B 469 -9.54 32.37 -9.01
C THR B 469 -9.39 33.25 -10.25
N SER B 470 -8.41 32.96 -11.10
CA SER B 470 -8.34 33.53 -12.45
C SER B 470 -8.85 32.48 -13.45
N TYR B 471 -8.87 32.84 -14.73
CA TYR B 471 -9.19 31.84 -15.74
C TYR B 471 -8.15 30.73 -15.72
N ARG B 472 -6.89 31.12 -15.72
CA ARG B 472 -5.81 30.16 -15.74
C ARG B 472 -5.42 29.82 -14.32
N PHE B 473 -6.25 29.01 -13.69
CA PHE B 473 -6.10 28.78 -12.28
C PHE B 473 -4.95 27.84 -11.90
N ALA B 474 -4.43 27.07 -12.85
CA ALA B 474 -3.46 26.02 -12.54
C ALA B 474 -2.06 26.37 -13.01
N ILE B 475 -1.10 25.59 -12.54
CA ILE B 475 0.20 25.60 -13.14
C ILE B 475 0.17 24.81 -14.43
N GLY B 476 0.41 25.47 -15.55
CA GLY B 476 0.47 24.76 -16.81
C GLY B 476 -0.91 24.56 -17.44
N GLY B 477 -0.92 23.99 -18.64
CA GLY B 477 -2.15 23.65 -19.35
C GLY B 477 -2.34 24.51 -20.59
N SER B 478 -2.75 23.88 -21.69
CA SER B 478 -3.12 24.58 -22.94
C SER B 478 -4.52 25.16 -22.91
N ASP B 479 -4.74 26.16 -23.75
CA ASP B 479 -6.08 26.58 -24.17
C ASP B 479 -7.14 25.49 -24.20
N ALA B 480 -6.96 24.46 -25.03
CA ALA B 480 -7.92 23.34 -25.07
C ALA B 480 -8.10 22.64 -23.71
N ASP B 481 -7.01 22.49 -22.95
CA ASP B 481 -7.08 21.89 -21.60
C ASP B 481 -8.03 22.68 -20.71
N TYR B 482 -7.89 23.99 -20.76
CA TYR B 482 -8.69 24.87 -19.91
C TYR B 482 -10.16 24.92 -20.36
N GLN B 483 -10.39 24.84 -21.67
CA GLN B 483 -11.77 24.68 -22.13
C GLN B 483 -12.33 23.42 -21.49
N ASN B 484 -11.55 22.34 -21.55
CA ASN B 484 -12.02 21.07 -21.02
C ASN B 484 -12.27 21.13 -19.51
N ALA B 485 -11.30 21.67 -18.78
CA ALA B 485 -11.41 21.80 -17.35
C ALA B 485 -12.59 22.69 -16.95
N TRP B 486 -12.71 23.85 -17.58
CA TRP B 486 -13.73 24.83 -17.19
C TRP B 486 -15.12 24.33 -17.53
N SER B 487 -15.23 23.62 -18.64
CA SER B 487 -16.50 23.04 -19.02
C SER B 487 -16.97 22.09 -17.93
N SER B 488 -16.08 21.20 -17.51
CA SER B 488 -16.40 20.25 -16.45
C SER B 488 -16.65 20.89 -15.07
N ILE B 489 -15.99 22.00 -14.78
CA ILE B 489 -16.25 22.72 -13.53
C ILE B 489 -17.66 23.30 -13.61
N VAL B 490 -17.83 24.32 -14.45
CA VAL B 490 -19.13 24.96 -14.68
C VAL B 490 -20.33 24.02 -14.51
N GLY B 491 -20.23 22.80 -15.03
CA GLY B 491 -21.25 21.78 -14.79
C GLY B 491 -21.58 21.54 -13.32
N SER B 492 -21.86 22.61 -12.55
CA SER B 492 -22.49 22.52 -11.22
C SER B 492 -23.75 23.39 -11.03
#